data_3L9F
#
_entry.id   3L9F
#
_cell.length_a   51.857
_cell.length_b   66.148
_cell.length_c   115.679
_cell.angle_alpha   90.00
_cell.angle_beta   93.94
_cell.angle_gamma   90.00
#
_symmetry.space_group_name_H-M   'P 1 21 1'
#
loop_
_entity.id
_entity.type
_entity.pdbx_description
1 polymer 'Putative uncharacterized protein smu.1604c'
2 non-polymer 'MAGNESIUM ION'
3 water water
#
_entity_poly.entity_id   1
_entity_poly.type   'polypeptide(L)'
_entity_poly.pdbx_seq_one_letter_code
;MGSSHHHHHHSSGLVPRGSHMASMTGGQQMGRGSMQGKDIILGILSKKERSGYEINDILQNQLSYFYDGTYGMIYPTLRK
LEKDGKITKEVVIQDGRPNKNIYAITESGKKELASYLQSDVNDEIFKSDFLMRLFFGNSLNDDDLEQLIREEIERKEEKI
KRLSENLEIWKKKGELTPTQEITIKYGLAQYKSTKKVLEEELAK
;
_entity_poly.pdbx_strand_id   A,B,C,D
#
# COMPACT_ATOMS: atom_id res chain seq x y z
N MET A 35 -6.21 -8.18 36.14
CA MET A 35 -5.39 -8.87 37.13
C MET A 35 -4.00 -8.23 37.27
N GLN A 36 -3.68 -7.78 38.47
CA GLN A 36 -2.44 -7.03 38.72
C GLN A 36 -1.37 -7.80 39.49
N GLY A 37 -0.12 -7.36 39.32
CA GLY A 37 1.00 -7.91 40.06
C GLY A 37 0.78 -7.79 41.56
N LYS A 38 0.16 -6.69 41.98
CA LYS A 38 -0.08 -6.45 43.41
C LYS A 38 -0.88 -7.59 44.04
N ASP A 39 -1.83 -8.16 43.30
CA ASP A 39 -2.70 -9.16 43.85
C ASP A 39 -1.98 -10.50 44.00
N ILE A 40 -1.17 -10.84 43.02
CA ILE A 40 -0.45 -12.11 43.13
C ILE A 40 0.63 -12.00 44.21
N ILE A 41 1.20 -10.82 44.39
CA ILE A 41 2.21 -10.65 45.45
C ILE A 41 1.57 -10.76 46.82
N LEU A 42 0.41 -10.15 47.00
CA LEU A 42 -0.29 -10.31 48.28
C LEU A 42 -0.62 -11.77 48.51
N GLY A 43 -0.99 -12.48 47.45
CA GLY A 43 -1.21 -13.92 47.54
C GLY A 43 0.03 -14.66 48.03
N ILE A 44 1.17 -14.35 47.43
CA ILE A 44 2.43 -14.98 47.82
C ILE A 44 2.76 -14.69 49.28
N LEU A 45 2.47 -13.47 49.72
CA LEU A 45 2.75 -13.07 51.09
C LEU A 45 1.64 -13.41 52.09
N SER A 46 0.58 -14.08 51.63
CA SER A 46 -0.52 -14.33 52.56
C SER A 46 -0.11 -15.20 53.75
N LYS A 47 0.68 -16.24 53.48
CA LYS A 47 0.98 -17.25 54.49
C LYS A 47 2.36 -17.12 55.17
N LYS A 48 3.27 -16.36 54.57
CA LYS A 48 4.65 -16.32 55.07
C LYS A 48 5.31 -14.96 54.81
N GLU A 49 6.13 -14.49 55.76
CA GLU A 49 7.07 -13.41 55.47
C GLU A 49 8.14 -13.97 54.55
N ARG A 50 8.48 -13.23 53.50
CA ARG A 50 9.43 -13.73 52.51
C ARG A 50 10.40 -12.65 52.07
N SER A 51 11.65 -13.02 51.84
CA SER A 51 12.62 -12.12 51.23
C SER A 51 12.23 -11.80 49.78
N GLY A 52 12.74 -10.70 49.26
CA GLY A 52 12.58 -10.40 47.84
C GLY A 52 13.08 -11.54 46.96
N TYR A 53 14.19 -12.16 47.37
CA TYR A 53 14.73 -13.27 46.62
C TYR A 53 13.68 -14.37 46.49
N GLU A 54 13.07 -14.71 47.62
CA GLU A 54 12.11 -15.81 47.67
C GLU A 54 10.83 -15.47 46.89
N ILE A 55 10.37 -14.24 47.00
CA ILE A 55 9.19 -13.82 46.26
C ILE A 55 9.46 -13.93 44.77
N ASN A 56 10.62 -13.45 44.36
CA ASN A 56 10.99 -13.51 42.96
C ASN A 56 11.10 -14.96 42.48
N ASP A 57 11.68 -15.82 43.33
CA ASP A 57 11.82 -17.23 42.99
C ASP A 57 10.42 -17.82 42.76
N ILE A 58 9.50 -17.56 43.67
CA ILE A 58 8.13 -18.06 43.55
C ILE A 58 7.48 -17.57 42.27
N LEU A 59 7.55 -16.26 42.03
CA LEU A 59 6.89 -15.67 40.87
C LEU A 59 7.51 -16.16 39.55
N GLN A 60 8.84 -16.13 39.46
CA GLN A 60 9.51 -16.55 38.22
C GLN A 60 9.47 -18.06 37.99
N ASN A 61 9.62 -18.84 39.05
CA ASN A 61 9.87 -20.27 38.89
C ASN A 61 8.72 -21.20 39.29
N GLN A 62 7.82 -20.70 40.13
CA GLN A 62 6.74 -21.56 40.61
C GLN A 62 5.40 -21.21 40.00
N LEU A 63 5.08 -19.92 39.96
CA LEU A 63 3.75 -19.48 39.57
C LEU A 63 3.68 -19.01 38.12
N SER A 64 4.78 -19.13 37.40
CA SER A 64 4.80 -18.64 36.03
C SER A 64 3.84 -19.36 35.06
N TYR A 65 3.29 -20.50 35.45
CA TYR A 65 2.35 -21.19 34.55
C TYR A 65 0.99 -20.49 34.52
N PHE A 66 0.75 -19.59 35.47
CA PHE A 66 -0.47 -18.79 35.41
C PHE A 66 -0.24 -17.30 35.57
N TYR A 67 1.00 -16.90 35.81
CA TYR A 67 1.30 -15.49 35.83
C TYR A 67 2.71 -15.26 35.31
N ASP A 68 2.79 -14.76 34.09
CA ASP A 68 4.06 -14.50 33.45
C ASP A 68 3.93 -13.17 32.75
N GLY A 69 4.43 -12.12 33.38
CA GLY A 69 4.28 -10.77 32.87
C GLY A 69 5.58 -10.21 32.34
N THR A 70 5.73 -8.89 32.44
CA THR A 70 6.94 -8.23 31.95
C THR A 70 8.00 -8.12 33.04
N TYR A 71 9.26 -8.17 32.64
CA TYR A 71 10.37 -8.09 33.58
C TYR A 71 10.27 -6.82 34.44
N GLY A 72 10.67 -6.95 35.70
CA GLY A 72 10.77 -5.81 36.58
C GLY A 72 9.45 -5.25 37.06
N MET A 73 8.46 -6.13 37.20
CA MET A 73 7.20 -5.76 37.83
C MET A 73 7.36 -5.77 39.34
N ILE A 74 8.08 -6.78 39.83
CA ILE A 74 8.07 -7.10 41.27
C ILE A 74 8.56 -5.96 42.17
N TYR A 75 9.66 -5.32 41.79
CA TYR A 75 10.27 -4.32 42.67
C TYR A 75 9.45 -3.03 42.81
N PRO A 76 8.99 -2.45 41.69
CA PRO A 76 8.10 -1.30 41.83
C PRO A 76 6.80 -1.64 42.57
N THR A 77 6.29 -2.86 42.39
CA THR A 77 5.02 -3.23 42.96
C THR A 77 5.17 -3.44 44.47
N LEU A 78 6.30 -4.02 44.87
CA LEU A 78 6.61 -4.13 46.30
C LEU A 78 6.70 -2.75 46.93
N ARG A 79 7.33 -1.81 46.22
CA ARG A 79 7.47 -0.45 46.72
C ARG A 79 6.12 0.19 46.97
N LYS A 80 5.18 0.01 46.04
CA LYS A 80 3.85 0.61 46.17
C LYS A 80 3.02 -0.06 47.25
N LEU A 81 3.09 -1.38 47.34
CA LEU A 81 2.37 -2.10 48.37
C LEU A 81 2.84 -1.62 49.74
N GLU A 82 4.12 -1.34 49.85
CA GLU A 82 4.65 -0.85 51.11
C GLU A 82 4.13 0.56 51.38
N LYS A 83 4.19 1.42 50.38
CA LYS A 83 3.69 2.78 50.52
C LYS A 83 2.22 2.79 50.94
N ASP A 84 1.44 1.90 50.35
CA ASP A 84 0.01 1.83 50.62
C ASP A 84 -0.31 1.05 51.90
N GLY A 85 0.73 0.63 52.62
CA GLY A 85 0.54 -0.01 53.91
C GLY A 85 0.02 -1.42 53.86
N LYS A 86 0.10 -2.06 52.69
CA LYS A 86 -0.42 -3.42 52.52
C LYS A 86 0.63 -4.47 52.91
N ILE A 87 1.91 -4.07 52.87
CA ILE A 87 3.01 -4.92 53.33
C ILE A 87 4.04 -4.08 54.08
N THR A 88 4.86 -4.72 54.90
CA THR A 88 6.00 -4.04 55.50
C THR A 88 7.29 -4.57 54.89
N LYS A 89 8.32 -3.74 54.90
CA LYS A 89 9.63 -4.14 54.41
C LYS A 89 10.67 -3.97 55.51
N GLU A 90 11.45 -5.02 55.71
CA GLU A 90 12.51 -5.03 56.70
C GLU A 90 13.81 -5.21 55.95
N VAL A 91 14.82 -4.41 56.27
CA VAL A 91 16.12 -4.58 55.62
C VAL A 91 17.07 -5.28 56.61
N VAL A 92 17.51 -6.48 56.25
CA VAL A 92 18.36 -7.25 57.15
C VAL A 92 19.81 -7.08 56.72
N ILE A 93 20.63 -6.58 57.63
CA ILE A 93 22.02 -6.32 57.31
C ILE A 93 22.90 -7.40 57.89
N GLN A 94 23.82 -7.91 57.08
CA GLN A 94 24.77 -8.90 57.55
C GLN A 94 26.16 -8.56 57.06
N ASP A 95 27.15 -8.83 57.90
CA ASP A 95 28.54 -8.62 57.55
C ASP A 95 28.89 -9.37 56.28
N GLY A 96 29.51 -8.67 55.34
CA GLY A 96 30.05 -9.28 54.14
C GLY A 96 29.04 -9.86 53.16
N ARG A 97 27.76 -9.48 53.33
CA ARG A 97 26.70 -9.92 52.44
C ARG A 97 25.84 -8.76 51.95
N PRO A 98 25.22 -8.91 50.78
CA PRO A 98 24.28 -7.85 50.38
C PRO A 98 23.16 -7.78 51.41
N ASN A 99 22.60 -6.60 51.57
CA ASN A 99 21.36 -6.45 52.32
C ASN A 99 20.29 -7.36 51.73
N LYS A 100 19.43 -7.86 52.61
CA LYS A 100 18.32 -8.74 52.25
C LYS A 100 17.03 -8.06 52.67
N ASN A 101 16.05 -7.97 51.79
CA ASN A 101 14.76 -7.37 52.16
C ASN A 101 13.73 -8.42 52.49
N ILE A 102 13.14 -8.32 53.69
CA ILE A 102 12.11 -9.26 54.09
C ILE A 102 10.76 -8.54 54.08
N TYR A 103 9.77 -9.12 53.38
CA TYR A 103 8.44 -8.51 53.27
C TYR A 103 7.39 -9.29 54.04
N ALA A 104 6.47 -8.57 54.67
CA ALA A 104 5.41 -9.21 55.44
C ALA A 104 4.08 -8.53 55.13
N ILE A 105 3.04 -9.33 54.94
CA ILE A 105 1.72 -8.76 54.73
C ILE A 105 1.24 -8.08 56.02
N THR A 106 0.42 -7.03 55.88
CA THR A 106 -0.20 -6.37 57.02
C THR A 106 -1.68 -6.73 57.08
N GLU A 107 -2.35 -6.35 58.16
CA GLU A 107 -3.79 -6.58 58.27
C GLU A 107 -4.55 -6.04 57.07
N SER A 108 -4.25 -4.80 56.69
CA SER A 108 -4.92 -4.20 55.55
C SER A 108 -4.59 -4.97 54.28
N GLY A 109 -3.36 -5.48 54.18
CA GLY A 109 -2.98 -6.28 53.04
C GLY A 109 -3.80 -7.56 52.95
N LYS A 110 -4.04 -8.19 54.10
CA LYS A 110 -4.85 -9.41 54.13
C LYS A 110 -6.27 -9.09 53.71
N LYS A 111 -6.78 -7.94 54.19
CA LYS A 111 -8.12 -7.46 53.81
C LYS A 111 -8.22 -7.30 52.30
N GLU A 112 -7.19 -6.73 51.69
CA GLU A 112 -7.21 -6.46 50.27
C GLU A 112 -7.20 -7.74 49.46
N LEU A 113 -6.42 -8.72 49.93
CA LEU A 113 -6.38 -10.02 49.28
C LEU A 113 -7.76 -10.69 49.38
N ALA A 114 -8.33 -10.70 50.58
CA ALA A 114 -9.64 -11.31 50.79
C ALA A 114 -10.68 -10.69 49.86
N SER A 115 -10.65 -9.36 49.77
CA SER A 115 -11.56 -8.64 48.88
C SER A 115 -11.35 -9.08 47.45
N TYR A 116 -10.09 -9.12 47.03
CA TYR A 116 -9.79 -9.48 45.66
C TYR A 116 -10.30 -10.89 45.33
N LEU A 117 -10.15 -11.81 46.28
CA LEU A 117 -10.59 -13.18 46.03
C LEU A 117 -12.13 -13.30 46.06
N GLN A 118 -12.80 -12.26 46.55
CA GLN A 118 -14.27 -12.22 46.53
CA GLN A 118 -14.26 -12.28 46.51
C GLN A 118 -14.78 -11.55 45.27
N SER A 119 -13.87 -10.94 44.51
CA SER A 119 -14.24 -10.16 43.32
C SER A 119 -14.60 -11.03 42.12
N ASP A 120 -15.25 -10.41 41.15
CA ASP A 120 -15.53 -11.10 39.88
C ASP A 120 -14.22 -11.40 39.16
N VAL A 121 -14.16 -12.57 38.51
CA VAL A 121 -12.95 -13.00 37.81
C VAL A 121 -12.71 -12.16 36.58
N ASN A 122 -11.46 -11.73 36.39
CA ASN A 122 -11.09 -10.90 35.25
C ASN A 122 -10.76 -11.75 34.04
N ASP A 123 -10.86 -11.17 32.85
CA ASP A 123 -10.52 -11.90 31.64
C ASP A 123 -9.06 -12.28 31.69
N GLU A 124 -8.72 -13.45 31.16
CA GLU A 124 -7.32 -13.82 31.09
C GLU A 124 -6.61 -12.92 30.10
N ILE A 125 -5.34 -12.64 30.37
CA ILE A 125 -4.51 -11.90 29.42
CA ILE A 125 -4.53 -11.90 29.41
C ILE A 125 -3.55 -12.86 28.76
N PHE A 126 -3.46 -12.81 27.44
CA PHE A 126 -2.56 -13.70 26.72
C PHE A 126 -2.05 -12.99 25.49
N LYS A 127 -0.74 -12.84 25.42
CA LYS A 127 -0.12 -12.20 24.28
C LYS A 127 1.07 -13.04 23.87
N SER A 128 0.95 -13.67 22.71
CA SER A 128 1.99 -14.58 22.25
C SER A 128 2.76 -13.98 21.11
N ASP A 129 4.03 -13.65 21.35
CA ASP A 129 4.88 -13.13 20.29
C ASP A 129 5.12 -14.21 19.26
N PHE A 130 5.32 -15.45 19.70
CA PHE A 130 5.52 -16.56 18.78
C PHE A 130 4.38 -16.63 17.76
N LEU A 131 3.14 -16.68 18.24
CA LEU A 131 2.01 -16.77 17.32
C LEU A 131 1.96 -15.56 16.39
N MET A 132 2.25 -14.38 16.94
CA MET A 132 2.25 -13.16 16.14
C MET A 132 3.20 -13.31 14.95
N ARG A 133 4.39 -13.85 15.19
CA ARG A 133 5.39 -13.98 14.13
C ARG A 133 4.86 -14.86 13.02
N LEU A 134 4.23 -15.96 13.39
CA LEU A 134 3.64 -16.83 12.38
C LEU A 134 2.44 -16.17 11.68
N PHE A 135 1.60 -15.46 12.43
CA PHE A 135 0.44 -14.82 11.81
C PHE A 135 0.86 -13.83 10.75
N PHE A 136 1.93 -13.08 11.04
CA PHE A 136 2.45 -12.07 10.13
C PHE A 136 3.70 -12.58 9.45
N GLY A 137 3.79 -13.89 9.30
CA GLY A 137 5.00 -14.52 8.82
C GLY A 137 4.96 -14.92 7.36
N ASN A 138 4.48 -14.03 6.51
CA ASN A 138 4.40 -14.31 5.07
C ASN A 138 5.78 -14.53 4.47
N SER A 139 6.73 -13.70 4.86
CA SER A 139 8.06 -13.73 4.25
C SER A 139 8.95 -14.85 4.79
N LEU A 140 8.69 -15.29 6.02
CA LEU A 140 9.50 -16.33 6.64
C LEU A 140 9.86 -17.44 5.67
N ASN A 141 11.16 -17.60 5.40
CA ASN A 141 11.60 -18.76 4.62
C ASN A 141 11.48 -20.03 5.46
N ASP A 142 11.61 -21.18 4.81
CA ASP A 142 11.35 -22.46 5.47
C ASP A 142 12.26 -22.67 6.69
N ASP A 143 13.52 -22.29 6.57
CA ASP A 143 14.48 -22.43 7.66
C ASP A 143 14.10 -21.57 8.88
N ASP A 144 13.79 -20.31 8.63
CA ASP A 144 13.40 -19.39 9.70
C ASP A 144 12.16 -19.89 10.43
N LEU A 145 11.19 -20.41 9.68
CA LEU A 145 9.95 -20.91 10.27
C LEU A 145 10.23 -22.15 11.10
N GLU A 146 10.99 -23.08 10.53
CA GLU A 146 11.32 -24.30 11.21
C GLU A 146 12.01 -23.99 12.55
N GLN A 147 12.89 -23.00 12.52
CA GLN A 147 13.64 -22.62 13.71
C GLN A 147 12.73 -22.02 14.77
N LEU A 148 11.80 -21.17 14.33
CA LEU A 148 10.86 -20.56 15.28
C LEU A 148 10.07 -21.65 15.99
N ILE A 149 9.60 -22.61 15.20
CA ILE A 149 8.84 -23.70 15.78
C ILE A 149 9.66 -24.54 16.77
N ARG A 150 10.89 -24.90 16.40
CA ARG A 150 11.75 -25.66 17.32
C ARG A 150 12.05 -24.91 18.61
N GLU A 151 12.30 -23.61 18.50
CA GLU A 151 12.61 -22.82 19.67
C GLU A 151 11.41 -22.72 20.61
N GLU A 152 10.21 -22.63 20.03
CA GLU A 152 9.00 -22.60 20.85
C GLU A 152 8.75 -23.95 21.50
N ILE A 153 9.00 -25.02 20.75
CA ILE A 153 8.86 -26.37 21.34
C ILE A 153 9.76 -26.49 22.57
N GLU A 154 11.00 -26.00 22.44
CA GLU A 154 11.92 -26.04 23.57
C GLU A 154 11.43 -25.22 24.75
N ARG A 155 10.81 -24.08 24.48
CA ARG A 155 10.27 -23.26 25.56
C ARG A 155 9.16 -24.01 26.29
N LYS A 156 8.31 -24.70 25.54
CA LYS A 156 7.24 -25.47 26.15
C LYS A 156 7.82 -26.61 26.97
N GLU A 157 8.89 -27.22 26.48
CA GLU A 157 9.51 -28.31 27.23
C GLU A 157 10.06 -27.83 28.56
N GLU A 158 10.71 -26.67 28.54
CA GLU A 158 11.25 -26.07 29.74
C GLU A 158 10.14 -25.78 30.76
N LYS A 159 9.02 -25.26 30.29
CA LYS A 159 7.91 -24.94 31.19
C LYS A 159 7.24 -26.20 31.76
N ILE A 160 7.09 -27.21 30.92
CA ILE A 160 6.54 -28.49 31.37
C ILE A 160 7.42 -29.13 32.44
N LYS A 161 8.72 -29.15 32.18
CA LYS A 161 9.71 -29.70 33.12
C LYS A 161 9.63 -29.00 34.47
N ARG A 162 9.61 -27.67 34.44
CA ARG A 162 9.56 -26.87 35.64
C ARG A 162 8.26 -27.06 36.41
N LEU A 163 7.12 -27.05 35.70
CA LEU A 163 5.84 -27.22 36.35
C LEU A 163 5.72 -28.63 36.90
N SER A 164 6.19 -29.62 36.13
CA SER A 164 6.17 -31.00 36.58
C SER A 164 7.00 -31.22 37.85
N GLU A 165 8.17 -30.57 37.89
CA GLU A 165 9.04 -30.68 39.06
C GLU A 165 8.43 -30.02 40.30
N ASN A 166 7.77 -28.88 40.13
CA ASN A 166 7.08 -28.27 41.26
C ASN A 166 5.88 -29.10 41.73
N LEU A 167 5.17 -29.70 40.78
CA LEU A 167 4.04 -30.54 41.15
C LEU A 167 4.52 -31.67 42.05
N GLU A 168 5.60 -32.32 41.62
CA GLU A 168 6.15 -33.46 42.36
C GLU A 168 6.59 -33.04 43.76
N ILE A 169 7.33 -31.94 43.85
CA ILE A 169 7.82 -31.44 45.14
C ILE A 169 6.70 -31.02 46.08
N TRP A 170 5.77 -30.22 45.56
CA TRP A 170 4.62 -29.82 46.37
C TRP A 170 3.86 -31.04 46.89
N LYS A 171 3.73 -32.06 46.04
CA LYS A 171 3.03 -33.27 46.46
C LYS A 171 3.84 -34.03 47.50
N LYS A 172 5.15 -34.12 47.28
CA LYS A 172 6.01 -34.82 48.21
C LYS A 172 5.92 -34.18 49.59
N LYS A 173 5.86 -32.84 49.61
CA LYS A 173 5.84 -32.08 50.85
C LYS A 173 4.47 -32.04 51.52
N GLY A 174 3.46 -32.56 50.84
CA GLY A 174 2.11 -32.56 51.37
C GLY A 174 1.51 -31.16 51.43
N GLU A 175 1.95 -30.31 50.52
CA GLU A 175 1.48 -28.93 50.50
C GLU A 175 0.45 -28.66 49.41
N LEU A 176 0.41 -29.53 48.41
CA LEU A 176 -0.46 -29.31 47.26
C LEU A 176 -1.94 -29.43 47.62
N THR A 177 -2.70 -28.36 47.43
CA THR A 177 -4.13 -28.40 47.72
C THR A 177 -4.87 -28.93 46.50
N PRO A 178 -6.09 -29.44 46.71
CA PRO A 178 -6.87 -29.95 45.58
C PRO A 178 -7.09 -28.91 44.48
N THR A 179 -7.39 -27.66 44.84
CA THR A 179 -7.57 -26.63 43.81
C THR A 179 -6.25 -26.29 43.12
N GLN A 180 -5.16 -26.31 43.86
CA GLN A 180 -3.85 -26.13 43.23
C GLN A 180 -3.59 -27.24 42.23
N GLU A 181 -3.96 -28.46 42.60
CA GLU A 181 -3.76 -29.58 41.70
C GLU A 181 -4.47 -29.33 40.38
N ILE A 182 -5.69 -28.81 40.44
CA ILE A 182 -6.43 -28.51 39.20
C ILE A 182 -5.65 -27.54 38.31
N THR A 183 -5.11 -26.49 38.90
CA THR A 183 -4.40 -25.49 38.10
C THR A 183 -3.18 -26.08 37.43
N ILE A 184 -2.52 -27.03 38.10
CA ILE A 184 -1.35 -27.65 37.51
C ILE A 184 -1.77 -28.57 36.35
N LYS A 185 -2.85 -29.32 36.53
CA LYS A 185 -3.34 -30.19 35.47
C LYS A 185 -3.69 -29.35 34.24
N TYR A 186 -4.30 -28.21 34.50
CA TYR A 186 -4.68 -27.25 33.47
C TYR A 186 -3.44 -26.73 32.75
N GLY A 187 -2.44 -26.28 33.53
CA GLY A 187 -1.21 -25.77 32.95
C GLY A 187 -0.49 -26.78 32.09
N LEU A 188 -0.37 -28.02 32.58
CA LEU A 188 0.32 -29.05 31.81
C LEU A 188 -0.39 -29.35 30.48
N ALA A 189 -1.71 -29.48 30.56
CA ALA A 189 -2.52 -29.74 29.39
C ALA A 189 -2.32 -28.64 28.34
N GLN A 190 -2.28 -27.39 28.81
CA GLN A 190 -2.06 -26.26 27.93
C GLN A 190 -0.72 -26.40 27.22
N TYR A 191 0.33 -26.63 28.00
CA TYR A 191 1.67 -26.74 27.43
C TYR A 191 1.79 -27.92 26.48
N LYS A 192 1.28 -29.07 26.92
CA LYS A 192 1.44 -30.29 26.13
C LYS A 192 0.64 -30.26 24.83
N SER A 193 -0.55 -29.69 24.86
CA SER A 193 -1.41 -29.68 23.67
C SER A 193 -0.82 -28.80 22.57
N THR A 194 -0.30 -27.65 22.95
CA THR A 194 0.25 -26.73 21.97
C THR A 194 1.62 -27.26 21.47
N LYS A 195 2.41 -27.82 22.37
CA LYS A 195 3.68 -28.44 21.97
C LYS A 195 3.41 -29.52 20.92
N LYS A 196 2.37 -30.32 21.17
CA LYS A 196 1.97 -31.38 20.25
C LYS A 196 1.61 -30.85 18.86
N VAL A 197 0.87 -29.75 18.81
CA VAL A 197 0.51 -29.14 17.53
C VAL A 197 1.76 -28.79 16.73
N LEU A 198 2.76 -28.22 17.41
CA LEU A 198 3.99 -27.84 16.74
C LEU A 198 4.77 -29.07 16.30
N GLU A 199 4.83 -30.09 17.16
CA GLU A 199 5.49 -31.34 16.81
C GLU A 199 4.86 -31.96 15.57
N GLU A 200 3.52 -31.97 15.55
CA GLU A 200 2.79 -32.53 14.42
C GLU A 200 3.07 -31.72 13.14
N GLU A 201 3.25 -30.41 13.30
CA GLU A 201 3.61 -29.57 12.16
C GLU A 201 4.98 -29.94 11.62
N LEU A 202 5.96 -30.10 12.50
CA LEU A 202 7.32 -30.45 12.09
C LEU A 202 7.35 -31.83 11.43
N ALA A 203 6.45 -32.71 11.85
CA ALA A 203 6.37 -34.04 11.27
C ALA A 203 5.78 -33.99 9.86
N LYS A 204 5.18 -32.84 9.54
CA LYS A 204 4.52 -32.60 8.25
C LYS A 204 3.04 -32.91 8.26
N MET B 35 6.47 5.22 -24.26
CA MET B 35 5.50 5.71 -23.28
C MET B 35 4.13 5.06 -23.48
N GLN B 36 3.88 3.99 -22.73
CA GLN B 36 2.63 3.24 -22.86
C GLN B 36 1.74 3.37 -21.62
N GLY B 37 0.46 3.09 -21.81
CA GLY B 37 -0.52 3.17 -20.74
C GLY B 37 -0.08 2.40 -19.50
N LYS B 38 0.56 1.25 -19.70
CA LYS B 38 0.93 0.39 -18.58
C LYS B 38 1.84 1.09 -17.55
N ASP B 39 2.72 1.96 -18.02
CA ASP B 39 3.63 2.63 -17.10
C ASP B 39 2.96 3.73 -16.30
N ILE B 40 2.10 4.50 -16.95
CA ILE B 40 1.41 5.56 -16.22
C ILE B 40 0.41 4.96 -15.24
N ILE B 41 -0.19 3.82 -15.59
CA ILE B 41 -1.11 3.16 -14.67
C ILE B 41 -0.38 2.65 -13.43
N LEU B 42 0.80 2.06 -13.62
CA LEU B 42 1.60 1.65 -12.47
C LEU B 42 1.94 2.84 -11.61
N GLY B 43 2.25 3.96 -12.27
CA GLY B 43 2.52 5.19 -11.56
C GLY B 43 1.33 5.61 -10.71
N ILE B 44 0.15 5.54 -11.31
CA ILE B 44 -1.08 5.91 -10.61
C ILE B 44 -1.34 5.01 -9.40
N LEU B 45 -1.11 3.71 -9.56
CA LEU B 45 -1.34 2.74 -8.49
C LEU B 45 -0.18 2.62 -7.51
N SER B 46 0.90 3.36 -7.71
CA SER B 46 2.09 3.16 -6.88
C SER B 46 1.80 3.47 -5.41
N LYS B 47 1.05 4.53 -5.15
CA LYS B 47 0.81 5.00 -3.78
C LYS B 47 -0.52 4.59 -3.15
N LYS B 48 -1.47 4.11 -3.94
CA LYS B 48 -2.81 3.84 -3.44
C LYS B 48 -3.52 2.74 -4.24
N GLU B 49 -4.32 1.91 -3.57
CA GLU B 49 -5.29 1.07 -4.26
C GLU B 49 -6.41 1.98 -4.75
N ARG B 50 -6.82 1.81 -6.00
CA ARG B 50 -7.82 2.69 -6.59
C ARG B 50 -8.82 1.91 -7.43
N SER B 51 -10.08 2.32 -7.37
CA SER B 51 -11.11 1.79 -8.24
C SER B 51 -10.82 2.14 -9.70
N GLY B 52 -11.41 1.38 -10.62
CA GLY B 52 -11.36 1.72 -12.03
C GLY B 52 -11.86 3.13 -12.27
N TYR B 53 -12.95 3.50 -11.59
CA TYR B 53 -13.49 4.85 -11.72
C TYR B 53 -12.43 5.89 -11.40
N GLU B 54 -11.75 5.69 -10.27
CA GLU B 54 -10.78 6.67 -9.79
C GLU B 54 -9.57 6.75 -10.72
N ILE B 55 -9.10 5.61 -11.21
CA ILE B 55 -7.97 5.60 -12.15
C ILE B 55 -8.37 6.40 -13.39
N ASN B 56 -9.56 6.13 -13.90
CA ASN B 56 -10.03 6.86 -15.07
C ASN B 56 -10.13 8.37 -14.81
N ASP B 57 -10.65 8.74 -13.64
CA ASP B 57 -10.78 10.14 -13.25
C ASP B 57 -9.39 10.80 -13.26
N ILE B 58 -8.42 10.12 -12.66
CA ILE B 58 -7.05 10.64 -12.58
C ILE B 58 -6.45 10.82 -13.98
N LEU B 59 -6.60 9.79 -14.81
CA LEU B 59 -6.05 9.83 -16.16
C LEU B 59 -6.70 10.92 -16.99
N GLN B 60 -8.03 10.96 -16.99
CA GLN B 60 -8.76 11.93 -17.80
C GLN B 60 -8.69 13.35 -17.27
N ASN B 61 -8.72 13.51 -15.95
CA ASN B 61 -8.95 14.82 -15.36
C ASN B 61 -7.82 15.41 -14.54
N GLN B 62 -6.74 14.66 -14.35
CA GLN B 62 -5.63 15.18 -13.59
C GLN B 62 -4.32 15.12 -14.38
N LEU B 63 -4.10 14.03 -15.10
CA LEU B 63 -2.80 13.84 -15.75
C LEU B 63 -2.84 14.07 -17.24
N SER B 64 -3.97 14.55 -17.74
CA SER B 64 -4.14 14.65 -19.19
C SER B 64 -3.20 15.69 -19.82
N TYR B 65 -2.58 16.53 -18.99
CA TYR B 65 -1.64 17.52 -19.52
C TYR B 65 -0.31 16.91 -19.94
N PHE B 66 -0.03 15.67 -19.54
CA PHE B 66 1.15 14.98 -20.05
C PHE B 66 0.86 13.59 -20.59
N TYR B 67 -0.38 13.15 -20.46
CA TYR B 67 -0.75 11.88 -21.07
C TYR B 67 -2.19 11.95 -21.52
N ASP B 68 -2.36 12.08 -22.83
CA ASP B 68 -3.68 12.17 -23.39
C ASP B 68 -3.66 11.26 -24.60
N GLY B 69 -4.23 10.07 -24.43
CA GLY B 69 -4.11 9.03 -25.43
C GLY B 69 -5.41 8.78 -26.16
N THR B 70 -5.57 7.58 -26.67
CA THR B 70 -6.81 7.23 -27.36
C THR B 70 -7.81 6.63 -26.38
N TYR B 71 -9.09 6.86 -26.65
CA TYR B 71 -10.16 6.31 -25.83
C TYR B 71 -10.00 4.81 -25.67
N GLY B 72 -10.33 4.31 -24.48
CA GLY B 72 -10.41 2.88 -24.23
C GLY B 72 -9.14 2.18 -23.83
N MET B 73 -8.05 2.92 -23.66
CA MET B 73 -6.76 2.31 -23.28
C MET B 73 -6.82 1.60 -21.93
N ILE B 74 -7.51 2.22 -20.98
CA ILE B 74 -7.40 1.85 -19.57
C ILE B 74 -7.77 0.39 -19.29
N TYR B 75 -8.89 -0.06 -19.85
CA TYR B 75 -9.43 -1.36 -19.47
C TYR B 75 -8.61 -2.57 -19.99
N PRO B 76 -8.26 -2.56 -21.28
CA PRO B 76 -7.37 -3.63 -21.77
C PRO B 76 -6.02 -3.64 -21.05
N THR B 77 -5.48 -2.45 -20.76
CA THR B 77 -4.19 -2.35 -20.09
C THR B 77 -4.25 -2.89 -18.67
N LEU B 78 -5.35 -2.58 -17.98
CA LEU B 78 -5.56 -3.14 -16.64
C LEU B 78 -5.66 -4.67 -16.68
N ARG B 79 -6.37 -5.19 -17.69
CA ARG B 79 -6.46 -6.64 -17.84
C ARG B 79 -5.08 -7.25 -18.00
N LYS B 80 -4.26 -6.64 -18.85
CA LYS B 80 -2.92 -7.15 -19.10
C LYS B 80 -1.99 -7.08 -17.88
N LEU B 81 -2.04 -5.97 -17.15
CA LEU B 81 -1.22 -5.81 -15.95
C LEU B 81 -1.58 -6.86 -14.90
N GLU B 82 -2.87 -7.17 -14.80
CA GLU B 82 -3.31 -8.19 -13.85
C GLU B 82 -2.84 -9.56 -14.31
N LYS B 83 -3.03 -9.83 -15.60
CA LYS B 83 -2.58 -11.08 -16.20
C LYS B 83 -1.09 -11.30 -15.97
N ASP B 84 -0.31 -10.23 -16.01
CA ASP B 84 1.14 -10.32 -15.86
C ASP B 84 1.59 -10.21 -14.40
N GLY B 85 0.63 -10.09 -13.49
CA GLY B 85 0.90 -10.10 -12.07
C GLY B 85 1.50 -8.84 -11.49
N LYS B 86 1.34 -7.73 -12.21
CA LYS B 86 1.87 -6.44 -11.76
C LYS B 86 0.84 -5.69 -10.92
N ILE B 87 -0.44 -6.05 -11.08
CA ILE B 87 -1.51 -5.50 -10.24
C ILE B 87 -2.48 -6.61 -9.85
N THR B 88 -3.25 -6.38 -8.79
CA THR B 88 -4.37 -7.25 -8.44
C THR B 88 -5.68 -6.53 -8.70
N LYS B 89 -6.70 -7.32 -9.03
CA LYS B 89 -8.04 -6.79 -9.24
C LYS B 89 -9.02 -7.40 -8.26
N GLU B 90 -9.76 -6.56 -7.57
CA GLU B 90 -10.76 -7.02 -6.63
C GLU B 90 -12.12 -6.52 -7.09
N VAL B 91 -13.11 -7.41 -7.17
CA VAL B 91 -14.45 -6.98 -7.53
C VAL B 91 -15.31 -6.84 -6.29
N VAL B 92 -15.71 -5.61 -5.97
CA VAL B 92 -16.52 -5.36 -4.78
C VAL B 92 -17.99 -5.34 -5.16
N ILE B 93 -18.75 -6.24 -4.58
CA ILE B 93 -20.18 -6.38 -4.87
C ILE B 93 -21.02 -5.71 -3.80
N GLN B 94 -21.98 -4.90 -4.24
CA GLN B 94 -22.89 -4.26 -3.30
C GLN B 94 -24.31 -4.37 -3.81
N ASP B 95 -25.25 -4.55 -2.89
CA ASP B 95 -26.67 -4.59 -3.22
C ASP B 95 -27.09 -3.35 -3.99
N GLY B 96 -27.73 -3.56 -5.13
CA GLY B 96 -28.36 -2.47 -5.87
C GLY B 96 -27.40 -1.48 -6.51
N ARG B 97 -26.13 -1.86 -6.66
CA ARG B 97 -25.13 -1.03 -7.31
C ARG B 97 -24.31 -1.84 -8.30
N PRO B 98 -23.78 -1.18 -9.33
CA PRO B 98 -22.91 -1.92 -10.24
C PRO B 98 -21.69 -2.43 -9.46
N ASN B 99 -21.11 -3.54 -9.91
CA ASN B 99 -19.84 -3.98 -9.33
C ASN B 99 -18.77 -2.91 -9.46
N LYS B 100 -17.90 -2.84 -8.45
CA LYS B 100 -16.82 -1.88 -8.41
C LYS B 100 -15.50 -2.65 -8.46
N ASN B 101 -14.60 -2.27 -9.36
CA ASN B 101 -13.30 -2.93 -9.45
C ASN B 101 -12.22 -2.13 -8.75
N ILE B 102 -11.54 -2.76 -7.80
CA ILE B 102 -10.47 -2.09 -7.08
C ILE B 102 -9.12 -2.70 -7.49
N TYR B 103 -8.20 -1.86 -7.94
CA TYR B 103 -6.88 -2.32 -8.38
C TYR B 103 -5.75 -1.94 -7.40
N ALA B 104 -4.81 -2.87 -7.21
CA ALA B 104 -3.70 -2.65 -6.29
C ALA B 104 -2.38 -3.08 -6.92
N ILE B 105 -1.34 -2.28 -6.74
CA ILE B 105 -0.04 -2.65 -7.30
C ILE B 105 0.53 -3.84 -6.51
N THR B 106 1.28 -4.69 -7.20
CA THR B 106 1.98 -5.79 -6.52
C THR B 106 3.47 -5.47 -6.37
N GLU B 107 4.18 -6.29 -5.60
CA GLU B 107 5.63 -6.16 -5.49
C GLU B 107 6.30 -6.10 -6.86
N SER B 108 5.90 -7.01 -7.75
CA SER B 108 6.51 -7.05 -9.08
C SER B 108 6.13 -5.82 -9.90
N GLY B 109 4.94 -5.29 -9.66
CA GLY B 109 4.51 -4.07 -10.32
C GLY B 109 5.36 -2.88 -9.86
N LYS B 110 5.62 -2.81 -8.55
CA LYS B 110 6.47 -1.76 -8.01
C LYS B 110 7.87 -1.87 -8.62
N LYS B 111 8.34 -3.10 -8.79
CA LYS B 111 9.65 -3.37 -9.37
C LYS B 111 9.71 -2.86 -10.80
N GLU B 112 8.62 -3.10 -11.53
CA GLU B 112 8.52 -2.71 -12.92
C GLU B 112 8.47 -1.20 -13.06
N LEU B 113 7.73 -0.55 -12.17
CA LEU B 113 7.68 0.90 -12.15
C LEU B 113 9.07 1.47 -11.87
N ALA B 114 9.74 0.93 -10.86
CA ALA B 114 11.06 1.44 -10.49
C ALA B 114 12.02 1.29 -11.66
N SER B 115 11.93 0.14 -12.33
N SER B 115 11.93 0.16 -12.35
CA SER B 115 12.76 -0.13 -13.49
CA SER B 115 12.80 -0.10 -13.48
C SER B 115 12.49 0.93 -14.54
C SER B 115 12.51 0.88 -14.61
N TYR B 116 11.22 1.12 -14.86
CA TYR B 116 10.84 2.10 -15.85
C TYR B 116 11.40 3.50 -15.52
N LEU B 117 11.30 3.92 -14.27
CA LEU B 117 11.78 5.25 -13.89
C LEU B 117 13.31 5.36 -13.98
N GLN B 118 13.98 4.21 -14.07
CA GLN B 118 15.44 4.21 -14.24
C GLN B 118 15.86 4.20 -15.71
N SER B 119 14.90 3.97 -16.61
CA SER B 119 15.18 3.79 -18.03
C SER B 119 15.48 5.11 -18.73
N ASP B 120 16.14 5.03 -19.88
CA ASP B 120 16.35 6.21 -20.70
C ASP B 120 14.99 6.79 -21.07
N VAL B 121 14.87 8.12 -21.06
CA VAL B 121 13.60 8.76 -21.42
C VAL B 121 13.29 8.56 -22.90
N ASN B 122 12.03 8.25 -23.19
CA ASN B 122 11.55 8.02 -24.55
C ASN B 122 11.13 9.31 -25.25
N ASP B 123 11.09 9.30 -26.58
CA ASP B 123 10.67 10.49 -27.32
C ASP B 123 9.25 10.85 -26.95
N GLU B 124 8.95 12.14 -26.84
CA GLU B 124 7.56 12.52 -26.62
C GLU B 124 6.75 12.17 -27.86
N ILE B 125 5.48 11.84 -27.65
CA ILE B 125 4.54 11.63 -28.74
C ILE B 125 3.61 12.82 -28.78
N PHE B 126 3.42 13.38 -29.98
CA PHE B 126 2.50 14.49 -30.13
C PHE B 126 1.89 14.40 -31.51
N LYS B 127 0.58 14.26 -31.56
CA LYS B 127 -0.15 14.22 -32.82
C LYS B 127 -1.33 15.15 -32.72
N SER B 128 -1.29 16.23 -33.50
CA SER B 128 -2.33 17.25 -33.40
C SER B 128 -3.20 17.25 -34.63
N ASP B 129 -4.45 16.83 -34.46
CA ASP B 129 -5.39 16.84 -35.57
C ASP B 129 -5.69 18.27 -35.98
N PHE B 130 -5.81 19.16 -34.99
CA PHE B 130 -6.01 20.58 -35.26
C PHE B 130 -4.93 21.12 -36.22
N LEU B 131 -3.66 20.94 -35.88
CA LEU B 131 -2.58 21.46 -36.71
C LEU B 131 -2.61 20.81 -38.09
N MET B 132 -2.95 19.53 -38.11
CA MET B 132 -3.03 18.80 -39.36
C MET B 132 -4.08 19.45 -40.28
N ARG B 133 -5.24 19.81 -39.75
CA ARG B 133 -6.28 20.43 -40.56
C ARG B 133 -5.79 21.73 -41.18
N LEU B 134 -5.11 22.55 -40.39
CA LEU B 134 -4.55 23.79 -40.93
C LEU B 134 -3.43 23.52 -41.93
N PHE B 135 -2.61 22.50 -41.70
CA PHE B 135 -1.50 22.28 -42.63
C PHE B 135 -2.00 21.91 -44.01
N PHE B 136 -3.00 21.05 -44.04
CA PHE B 136 -3.62 20.59 -45.28
C PHE B 136 -4.93 21.32 -45.52
N GLY B 137 -5.05 22.54 -45.01
CA GLY B 137 -6.30 23.27 -45.07
C GLY B 137 -6.33 24.34 -46.15
N ASN B 138 -5.84 24.00 -47.33
CA ASN B 138 -5.77 24.95 -48.44
C ASN B 138 -7.14 25.46 -48.89
N SER B 139 -8.17 24.64 -48.67
CA SER B 139 -9.50 24.94 -49.17
C SER B 139 -10.40 25.59 -48.10
N LEU B 140 -10.08 25.36 -46.83
CA LEU B 140 -10.89 25.86 -45.72
C LEU B 140 -11.52 27.21 -45.98
N ASN B 141 -12.85 27.25 -45.94
CA ASN B 141 -13.63 28.47 -45.91
C ASN B 141 -13.15 29.39 -44.80
N ASP B 142 -13.25 30.71 -44.99
CA ASP B 142 -12.84 31.65 -43.96
C ASP B 142 -13.60 31.42 -42.66
N ASP B 143 -14.86 30.98 -42.78
CA ASP B 143 -15.70 30.70 -41.62
C ASP B 143 -15.29 29.41 -40.93
N ASP B 144 -14.99 28.40 -41.74
CA ASP B 144 -14.54 27.12 -41.23
C ASP B 144 -13.22 27.30 -40.47
N LEU B 145 -12.35 28.15 -41.00
CA LEU B 145 -11.07 28.40 -40.34
C LEU B 145 -11.26 29.07 -38.98
N GLU B 146 -12.06 30.13 -38.96
CA GLU B 146 -12.29 30.86 -37.71
C GLU B 146 -12.85 29.92 -36.65
N GLN B 147 -13.74 29.02 -37.09
CA GLN B 147 -14.38 28.08 -36.17
C GLN B 147 -13.38 27.08 -35.59
N LEU B 148 -12.52 26.53 -36.44
CA LEU B 148 -11.48 25.61 -35.99
C LEU B 148 -10.59 26.27 -34.96
N ILE B 149 -10.20 27.50 -35.23
CA ILE B 149 -9.35 28.23 -34.31
C ILE B 149 -10.06 28.50 -32.98
N ARG B 150 -11.30 28.97 -33.04
CA ARG B 150 -12.04 29.24 -31.81
C ARG B 150 -12.22 27.99 -30.95
N GLU B 151 -12.53 26.87 -31.59
CA GLU B 151 -12.78 25.63 -30.88
C GLU B 151 -11.50 25.08 -30.25
N GLU B 152 -10.36 25.32 -30.89
CA GLU B 152 -9.09 24.90 -30.31
C GLU B 152 -8.75 25.79 -29.13
N ILE B 153 -9.02 27.08 -29.26
CA ILE B 153 -8.83 27.98 -28.11
C ILE B 153 -9.65 27.48 -26.93
N GLU B 154 -10.89 27.09 -27.19
CA GLU B 154 -11.76 26.57 -26.13
C GLU B 154 -11.20 25.32 -25.46
N ARG B 155 -10.59 24.43 -26.25
CA ARG B 155 -9.99 23.22 -25.72
C ARG B 155 -8.84 23.58 -24.80
N LYS B 156 -8.05 24.55 -25.22
CA LYS B 156 -6.91 25.00 -24.43
C LYS B 156 -7.40 25.60 -23.12
N GLU B 157 -8.46 26.41 -23.21
CA GLU B 157 -9.02 27.02 -22.01
C GLU B 157 -9.49 25.98 -21.00
N GLU B 158 -10.16 24.93 -21.49
CA GLU B 158 -10.67 23.88 -20.63
C GLU B 158 -9.50 23.17 -19.93
N LYS B 159 -8.44 22.92 -20.68
CA LYS B 159 -7.28 22.24 -20.10
C LYS B 159 -6.53 23.12 -19.11
N ILE B 160 -6.40 24.40 -19.42
CA ILE B 160 -5.76 25.35 -18.51
C ILE B 160 -6.53 25.42 -17.19
N LYS B 161 -7.86 25.48 -17.29
CA LYS B 161 -8.71 25.55 -16.10
C LYS B 161 -8.48 24.33 -15.22
N ARG B 162 -8.58 23.15 -15.84
CA ARG B 162 -8.39 21.89 -15.14
CA ARG B 162 -8.40 21.90 -15.13
CA ARG B 162 -8.40 21.90 -15.13
C ARG B 162 -7.03 21.82 -14.45
N LEU B 163 -5.98 22.18 -15.19
CA LEU B 163 -4.63 22.11 -14.68
C LEU B 163 -4.39 23.14 -13.57
N SER B 164 -4.89 24.36 -13.77
CA SER B 164 -4.74 25.40 -12.76
C SER B 164 -5.45 25.04 -11.46
N GLU B 165 -6.64 24.49 -11.59
CA GLU B 165 -7.40 24.06 -10.42
C GLU B 165 -6.69 22.95 -9.63
N ASN B 166 -6.19 21.94 -10.35
CA ASN B 166 -5.47 20.87 -9.70
C ASN B 166 -4.20 21.34 -9.00
N LEU B 167 -3.50 22.29 -9.62
CA LEU B 167 -2.34 22.91 -9.01
C LEU B 167 -2.73 23.50 -7.64
N GLU B 168 -3.79 24.29 -7.64
CA GLU B 168 -4.24 24.97 -6.43
C GLU B 168 -4.62 23.99 -5.34
N ILE B 169 -5.44 23.00 -5.70
CA ILE B 169 -5.87 21.96 -4.77
C ILE B 169 -4.70 21.16 -4.20
N TRP B 170 -3.83 20.66 -5.08
CA TRP B 170 -2.71 19.85 -4.63
C TRP B 170 -1.80 20.66 -3.72
N LYS B 171 -1.61 21.93 -4.06
CA LYS B 171 -0.77 22.84 -3.27
C LYS B 171 -1.38 23.03 -1.88
N LYS B 172 -2.68 23.30 -1.84
CA LYS B 172 -3.35 23.54 -0.57
C LYS B 172 -3.37 22.30 0.32
N LYS B 173 -3.45 21.12 -0.30
CA LYS B 173 -3.49 19.85 0.42
C LYS B 173 -2.11 19.41 0.88
N GLY B 174 -1.08 20.12 0.45
CA GLY B 174 0.28 19.75 0.78
C GLY B 174 0.73 18.48 0.09
N GLU B 175 0.17 18.20 -1.08
CA GLU B 175 0.50 17.00 -1.82
C GLU B 175 1.47 17.27 -2.98
N LEU B 176 1.50 18.50 -3.45
CA LEU B 176 2.30 18.88 -4.61
C LEU B 176 3.82 18.76 -4.35
N THR B 177 4.50 17.90 -5.08
CA THR B 177 5.95 17.76 -4.94
C THR B 177 6.64 18.78 -5.85
N PRO B 178 7.90 19.13 -5.54
CA PRO B 178 8.65 20.06 -6.39
C PRO B 178 8.70 19.65 -7.86
N THR B 179 8.96 18.36 -8.15
CA THR B 179 8.98 17.91 -9.55
C THR B 179 7.61 17.97 -10.22
N GLN B 180 6.55 17.64 -9.48
CA GLN B 180 5.21 17.82 -10.02
C GLN B 180 4.97 19.27 -10.35
N GLU B 181 5.48 20.15 -9.50
CA GLU B 181 5.25 21.56 -9.75
C GLU B 181 5.88 21.98 -11.07
N ILE B 182 7.08 21.48 -11.35
CA ILE B 182 7.74 21.78 -12.62
C ILE B 182 6.85 21.38 -13.79
N THR B 183 6.29 20.17 -13.72
CA THR B 183 5.47 19.68 -14.83
C THR B 183 4.26 20.56 -15.06
N ILE B 184 3.69 21.09 -13.99
CA ILE B 184 2.49 21.92 -14.10
C ILE B 184 2.82 23.25 -14.75
N LYS B 185 3.93 23.86 -14.32
CA LYS B 185 4.44 25.10 -14.94
C LYS B 185 4.66 24.94 -16.44
N TYR B 186 5.26 23.80 -16.82
CA TYR B 186 5.52 23.43 -18.21
C TYR B 186 4.21 23.26 -18.98
N GLY B 187 3.28 22.49 -18.43
CA GLY B 187 1.98 22.31 -19.03
C GLY B 187 1.21 23.60 -19.22
N LEU B 188 1.17 24.46 -18.20
CA LEU B 188 0.47 25.73 -18.35
C LEU B 188 1.11 26.60 -19.43
N ALA B 189 2.45 26.63 -19.46
CA ALA B 189 3.16 27.45 -20.44
C ALA B 189 2.85 27.00 -21.87
N GLN B 190 2.80 25.69 -22.09
CA GLN B 190 2.55 25.25 -23.45
C GLN B 190 1.11 25.50 -23.87
N TYR B 191 0.17 25.32 -22.96
CA TYR B 191 -1.22 25.64 -23.28
C TYR B 191 -1.44 27.12 -23.51
N LYS B 192 -0.89 27.94 -22.62
CA LYS B 192 -1.08 29.38 -22.73
C LYS B 192 -0.40 29.98 -23.97
N SER B 193 0.80 29.49 -24.29
CA SER B 193 1.55 30.07 -25.41
C SER B 193 0.87 29.80 -26.75
N THR B 194 0.38 28.59 -26.93
CA THR B 194 -0.24 28.23 -28.19
C THR B 194 -1.61 28.90 -28.27
N LYS B 195 -2.28 29.01 -27.12
CA LYS B 195 -3.55 29.73 -27.09
C LYS B 195 -3.36 31.16 -27.53
N LYS B 196 -2.29 31.78 -27.02
CA LYS B 196 -1.96 33.15 -27.39
C LYS B 196 -1.76 33.31 -28.88
N VAL B 197 -1.08 32.35 -29.50
CA VAL B 197 -0.87 32.42 -30.95
C VAL B 197 -2.21 32.46 -31.67
N LEU B 198 -3.13 31.63 -31.23
CA LEU B 198 -4.42 31.53 -31.88
C LEU B 198 -5.28 32.76 -31.61
N GLU B 199 -5.18 33.31 -30.40
CA GLU B 199 -5.90 34.54 -30.11
C GLU B 199 -5.40 35.68 -31.00
N GLU B 200 -4.09 35.76 -31.15
CA GLU B 200 -3.49 36.79 -31.99
C GLU B 200 -3.93 36.65 -33.44
N GLU B 201 -4.12 35.41 -33.88
CA GLU B 201 -4.56 35.16 -35.25
C GLU B 201 -5.97 35.68 -35.47
N LEU B 202 -6.84 35.43 -34.50
CA LEU B 202 -8.24 35.82 -34.62
C LEU B 202 -8.42 37.33 -34.55
N ALA B 203 -7.46 38.01 -33.92
CA ALA B 203 -7.54 39.44 -33.71
C ALA B 203 -7.03 40.25 -34.91
N LYS B 204 -6.49 39.56 -35.91
CA LYS B 204 -5.94 40.23 -37.10
C LYS B 204 -7.03 40.57 -38.13
N MET C 35 -7.05 10.70 -35.43
CA MET C 35 -6.18 10.99 -36.57
C MET C 35 -5.17 9.88 -36.79
N GLN C 36 -5.34 9.11 -37.85
CA GLN C 36 -4.45 7.99 -38.13
C GLN C 36 -3.28 8.34 -39.04
N GLY C 37 -2.28 7.47 -39.07
CA GLY C 37 -1.18 7.62 -39.99
C GLY C 37 -1.70 7.72 -41.42
N LYS C 38 -2.77 7.00 -41.72
CA LYS C 38 -3.27 6.99 -43.10
C LYS C 38 -3.79 8.35 -43.54
N ASP C 39 -4.33 9.11 -42.59
CA ASP C 39 -4.87 10.43 -42.90
C ASP C 39 -3.75 11.40 -43.29
N ILE C 40 -2.68 11.43 -42.51
CA ILE C 40 -1.55 12.29 -42.87
C ILE C 40 -0.87 11.84 -44.17
N ILE C 41 -0.79 10.53 -44.41
CA ILE C 41 -0.19 10.06 -45.65
C ILE C 41 -1.01 10.46 -46.87
N LEU C 42 -2.34 10.38 -46.77
CA LEU C 42 -3.17 10.85 -47.88
C LEU C 42 -2.99 12.34 -48.11
N GLY C 43 -2.87 13.10 -47.03
CA GLY C 43 -2.60 14.52 -47.14
C GLY C 43 -1.27 14.77 -47.87
N ILE C 44 -0.25 14.03 -47.51
CA ILE C 44 1.06 14.15 -48.17
C ILE C 44 0.95 13.86 -49.68
N LEU C 45 0.13 12.88 -50.04
CA LEU C 45 -0.03 12.49 -51.45
C LEU C 45 -1.14 13.24 -52.19
N SER C 46 -1.81 14.17 -51.51
CA SER C 46 -2.93 14.88 -52.14
C SER C 46 -2.51 15.61 -53.42
N LYS C 47 -1.33 16.22 -53.41
CA LYS C 47 -0.93 17.12 -54.49
C LYS C 47 0.08 16.55 -55.49
N LYS C 48 0.79 15.50 -55.08
CA LYS C 48 1.92 15.01 -55.86
C LYS C 48 2.08 13.51 -55.70
N GLU C 49 2.50 12.84 -56.78
CA GLU C 49 3.05 11.50 -56.66
C GLU C 49 4.40 11.61 -55.97
N ARG C 50 4.68 10.71 -55.04
CA ARG C 50 5.91 10.81 -54.26
C ARG C 50 6.50 9.42 -54.01
N SER C 51 7.81 9.33 -54.06
CA SER C 51 8.50 8.10 -53.71
C SER C 51 8.34 7.84 -52.23
N GLY C 52 8.50 6.58 -51.81
CA GLY C 52 8.53 6.27 -50.38
C GLY C 52 9.58 7.11 -49.65
N TYR C 53 10.72 7.31 -50.30
CA TYR C 53 11.79 8.09 -49.69
C TYR C 53 11.30 9.48 -49.33
N GLU C 54 10.58 10.10 -50.27
CA GLU C 54 10.11 11.46 -50.13
C GLU C 54 9.01 11.57 -49.08
N ILE C 55 8.09 10.61 -49.09
CA ILE C 55 7.04 10.61 -48.07
C ILE C 55 7.68 10.50 -46.70
N ASN C 56 8.62 9.58 -46.57
CA ASN C 56 9.31 9.41 -45.30
C ASN C 56 10.04 10.68 -44.86
N ASP C 57 10.66 11.35 -45.83
CA ASP C 57 11.41 12.57 -45.54
C ASP C 57 10.44 13.64 -45.03
N ILE C 58 9.30 13.78 -45.69
CA ILE C 58 8.27 14.73 -45.26
C ILE C 58 7.78 14.42 -43.84
N LEU C 59 7.43 13.17 -43.62
CA LEU C 59 6.85 12.77 -42.34
C LEU C 59 7.83 12.95 -41.19
N GLN C 60 9.07 12.49 -41.38
CA GLN C 60 10.03 12.52 -40.29
C GLN C 60 10.62 13.90 -40.09
N ASN C 61 10.85 14.63 -41.18
CA ASN C 61 11.66 15.85 -41.11
C ASN C 61 10.93 17.18 -41.33
N GLN C 62 9.71 17.12 -41.83
CA GLN C 62 8.94 18.34 -42.04
C GLN C 62 7.70 18.43 -41.15
N LEU C 63 6.98 17.33 -41.03
CA LEU C 63 5.71 17.36 -40.31
C LEU C 63 5.83 16.92 -38.86
N SER C 64 7.05 16.63 -38.41
CA SER C 64 7.22 16.07 -37.07
C SER C 64 6.76 17.02 -35.96
N TYR C 65 6.59 18.31 -36.27
CA TYR C 65 6.17 19.27 -35.25
C TYR C 65 4.69 19.13 -34.89
N PHE C 66 3.93 18.41 -35.70
CA PHE C 66 2.53 18.16 -35.35
C PHE C 66 2.12 16.70 -35.49
N TYR C 67 3.03 15.88 -35.99
CA TYR C 67 2.75 14.46 -36.05
C TYR C 67 4.04 13.75 -35.78
N ASP C 68 4.22 13.30 -34.54
CA ASP C 68 5.43 12.60 -34.19
C ASP C 68 4.97 11.42 -33.38
N GLY C 69 4.79 10.29 -34.06
CA GLY C 69 4.26 9.09 -33.45
C GLY C 69 5.33 8.06 -33.12
N THR C 70 4.94 6.80 -33.18
CA THR C 70 5.90 5.71 -32.94
C THR C 70 6.49 5.26 -34.27
N TYR C 71 7.72 4.78 -34.22
CA TYR C 71 8.41 4.34 -35.43
C TYR C 71 7.62 3.25 -36.15
N GLY C 72 7.83 3.17 -37.46
CA GLY C 72 7.33 2.06 -38.25
C GLY C 72 5.85 2.12 -38.58
N MET C 73 5.31 3.33 -38.68
CA MET C 73 3.92 3.49 -39.08
C MET C 73 3.85 3.46 -40.60
N ILE C 74 4.79 4.16 -41.23
CA ILE C 74 4.66 4.49 -42.65
C ILE C 74 4.52 3.29 -43.60
N TYR C 75 5.40 2.31 -43.49
CA TYR C 75 5.39 1.21 -44.45
C TYR C 75 4.16 0.30 -44.36
N PRO C 76 3.79 -0.14 -43.15
CA PRO C 76 2.51 -0.86 -43.05
C PRO C 76 1.34 0.00 -43.53
N THR C 77 1.40 1.29 -43.26
CA THR C 77 0.30 2.17 -43.62
C THR C 77 0.17 2.33 -45.13
N LEU C 78 1.31 2.46 -45.81
CA LEU C 78 1.32 2.48 -47.27
C LEU C 78 0.76 1.16 -47.84
N ARG C 79 1.11 0.05 -47.22
CA ARG C 79 0.62 -1.24 -47.71
C ARG C 79 -0.90 -1.30 -47.59
N LYS C 80 -1.42 -0.87 -46.44
CA LYS C 80 -2.87 -0.90 -46.23
C LYS C 80 -3.62 0.05 -47.17
N LEU C 81 -3.14 1.28 -47.32
CA LEU C 81 -3.75 2.22 -48.24
C LEU C 81 -3.81 1.65 -49.65
N GLU C 82 -2.78 0.93 -50.06
CA GLU C 82 -2.77 0.39 -51.42
C GLU C 82 -3.81 -0.72 -51.51
N LYS C 83 -3.84 -1.58 -50.50
CA LYS C 83 -4.80 -2.68 -50.43
C LYS C 83 -6.23 -2.15 -50.52
N ASP C 84 -6.48 -1.02 -49.86
CA ASP C 84 -7.82 -0.42 -49.83
C ASP C 84 -8.11 0.46 -51.03
N GLY C 85 -7.17 0.53 -51.96
CA GLY C 85 -7.37 1.25 -53.21
C GLY C 85 -7.33 2.76 -53.10
N LYS C 86 -6.76 3.25 -52.00
CA LYS C 86 -6.68 4.69 -51.76
C LYS C 86 -5.42 5.29 -52.40
N ILE C 87 -4.44 4.45 -52.66
CA ILE C 87 -3.24 4.88 -53.38
C ILE C 87 -2.81 3.73 -54.29
N THR C 88 -2.00 4.06 -55.29
CA THR C 88 -1.33 3.05 -56.11
C THR C 88 0.16 3.04 -55.78
N LYS C 89 0.80 1.90 -56.01
CA LYS C 89 2.25 1.77 -55.82
C LYS C 89 2.90 1.34 -57.13
N GLU C 90 3.87 2.13 -57.56
CA GLU C 90 4.64 1.85 -58.76
C GLU C 90 6.05 1.49 -58.34
N VAL C 91 6.54 0.34 -58.78
CA VAL C 91 7.91 -0.06 -58.49
C VAL C 91 8.79 0.25 -59.70
N VAL C 92 9.71 1.18 -59.51
CA VAL C 92 10.59 1.61 -60.61
C VAL C 92 11.93 0.89 -60.47
N ILE C 93 12.25 0.09 -61.47
CA ILE C 93 13.47 -0.71 -61.47
C ILE C 93 14.51 0.00 -62.32
N GLN C 94 15.73 0.10 -61.79
CA GLN C 94 16.83 0.74 -62.53
C GLN C 94 18.08 -0.10 -62.41
N ASP C 95 18.94 -0.07 -63.44
CA ASP C 95 20.18 -0.83 -63.40
C ASP C 95 21.07 -0.37 -62.24
N GLY C 96 21.44 -1.29 -61.37
CA GLY C 96 22.46 -1.01 -60.38
C GLY C 96 22.03 -0.07 -59.28
N ARG C 97 20.71 0.01 -59.05
CA ARG C 97 20.14 0.75 -57.93
C ARG C 97 19.02 -0.04 -57.29
N PRO C 98 18.72 0.27 -56.03
CA PRO C 98 17.58 -0.37 -55.38
C PRO C 98 16.30 0.08 -56.08
N ASN C 99 15.27 -0.77 -56.01
CA ASN C 99 13.96 -0.36 -56.51
C ASN C 99 13.49 0.88 -55.79
N LYS C 100 12.81 1.76 -56.53
CA LYS C 100 12.24 2.97 -55.95
C LYS C 100 10.73 2.85 -56.07
N ASN C 101 10.03 3.06 -54.98
CA ASN C 101 8.58 2.94 -54.97
C ASN C 101 7.92 4.30 -55.06
N ILE C 102 7.03 4.47 -56.04
CA ILE C 102 6.34 5.74 -56.22
C ILE C 102 4.87 5.55 -55.91
N TYR C 103 4.35 6.40 -55.03
CA TYR C 103 2.97 6.29 -54.58
C TYR C 103 2.12 7.41 -55.11
N ALA C 104 0.89 7.09 -55.46
CA ALA C 104 0.02 8.10 -56.05
C ALA C 104 -1.38 7.93 -55.49
N ILE C 105 -2.00 9.04 -55.10
CA ILE C 105 -3.34 8.99 -54.54
C ILE C 105 -4.35 8.62 -55.64
N THR C 106 -5.39 7.87 -55.29
CA THR C 106 -6.46 7.55 -56.24
C THR C 106 -7.65 8.46 -56.05
N GLU C 107 -8.63 8.35 -56.95
CA GLU C 107 -9.87 9.08 -56.76
C GLU C 107 -10.50 8.73 -55.42
N SER C 108 -10.46 7.45 -55.07
N SER C 108 -10.50 7.44 -55.10
CA SER C 108 -11.04 6.99 -53.80
CA SER C 108 -11.02 7.00 -53.81
C SER C 108 -10.25 7.46 -52.58
C SER C 108 -10.28 7.67 -52.67
N GLY C 109 -8.95 7.69 -52.77
CA GLY C 109 -8.13 8.28 -51.73
C GLY C 109 -8.43 9.76 -51.57
N LYS C 110 -8.66 10.45 -52.69
CA LYS C 110 -8.94 11.88 -52.62
C LYS C 110 -10.26 12.09 -51.88
N LYS C 111 -11.21 11.20 -52.13
CA LYS C 111 -12.53 11.29 -51.51
C LYS C 111 -12.39 11.08 -50.00
N GLU C 112 -11.62 10.06 -49.64
CA GLU C 112 -11.34 9.77 -48.24
C GLU C 112 -10.67 10.94 -47.53
N LEU C 113 -9.67 11.55 -48.17
CA LEU C 113 -9.00 12.71 -47.57
C LEU C 113 -10.00 13.85 -47.38
N ALA C 114 -10.80 14.13 -48.40
CA ALA C 114 -11.81 15.19 -48.31
C ALA C 114 -12.76 14.95 -47.13
N SER C 115 -13.24 13.72 -46.98
CA SER C 115 -14.09 13.38 -45.87
C SER C 115 -13.36 13.64 -44.56
N TYR C 116 -12.11 13.19 -44.48
CA TYR C 116 -11.38 13.35 -43.23
C TYR C 116 -11.29 14.81 -42.83
N LEU C 117 -11.02 15.67 -43.80
CA LEU C 117 -10.83 17.08 -43.51
C LEU C 117 -12.16 17.76 -43.14
N GLN C 118 -13.27 17.13 -43.52
CA GLN C 118 -14.58 17.66 -43.11
C GLN C 118 -15.02 17.14 -41.75
N SER C 119 -14.35 16.09 -41.27
CA SER C 119 -14.71 15.47 -40.00
C SER C 119 -14.45 16.39 -38.80
N ASP C 120 -15.11 16.11 -37.69
CA ASP C 120 -14.83 16.85 -36.46
C ASP C 120 -13.37 16.62 -36.07
N VAL C 121 -12.73 17.68 -35.58
CA VAL C 121 -11.34 17.61 -35.14
C VAL C 121 -11.19 16.74 -33.90
N ASN C 122 -10.29 15.77 -33.97
CA ASN C 122 -10.02 14.88 -32.84
C ASN C 122 -9.18 15.59 -31.78
N ASP C 123 -9.25 15.11 -30.55
CA ASP C 123 -8.41 15.67 -29.51
C ASP C 123 -6.94 15.43 -29.81
N GLU C 124 -6.11 16.34 -29.32
CA GLU C 124 -4.68 16.24 -29.45
C GLU C 124 -4.21 14.98 -28.74
N ILE C 125 -3.23 14.29 -29.33
CA ILE C 125 -2.59 13.18 -28.63
C ILE C 125 -1.25 13.69 -28.14
N PHE C 126 -0.98 13.54 -26.84
CA PHE C 126 0.25 14.06 -26.29
C PHE C 126 0.64 13.18 -25.14
N LYS C 127 1.84 12.61 -25.24
CA LYS C 127 2.37 11.77 -24.18
C LYS C 127 3.83 12.12 -23.97
N SER C 128 4.12 12.78 -22.85
CA SER C 128 5.46 13.21 -22.54
C SER C 128 6.09 12.29 -21.50
N ASP C 129 7.05 11.48 -21.92
CA ASP C 129 7.76 10.64 -20.97
C ASP C 129 8.54 11.52 -19.99
N PHE C 130 9.11 12.61 -20.48
CA PHE C 130 9.84 13.52 -19.62
C PHE C 130 8.96 13.97 -18.46
N LEU C 131 7.75 14.42 -18.76
CA LEU C 131 6.86 14.93 -17.71
C LEU C 131 6.45 13.83 -16.76
N MET C 132 6.21 12.65 -17.30
CA MET C 132 5.85 11.50 -16.49
C MET C 132 6.96 11.20 -15.49
N ARG C 133 8.22 11.24 -15.93
CA ARG C 133 9.32 11.01 -15.01
C ARG C 133 9.29 11.97 -13.85
N LEU C 134 9.04 13.25 -14.13
CA LEU C 134 9.01 14.26 -13.08
C LEU C 134 7.77 14.07 -12.19
N PHE C 135 6.63 13.77 -12.80
CA PHE C 135 5.41 13.63 -12.01
C PHE C 135 5.54 12.51 -10.97
N PHE C 136 6.11 11.39 -11.40
CA PHE C 136 6.32 10.25 -10.52
C PHE C 136 7.78 10.19 -10.04
N GLY C 137 8.43 11.35 -9.99
CA GLY C 137 9.86 11.41 -9.73
C GLY C 137 10.25 11.72 -8.30
N ASN C 138 9.51 11.14 -7.36
CA ASN C 138 9.77 11.31 -5.94
C ASN C 138 11.17 10.84 -5.55
N SER C 139 11.67 9.81 -6.23
CA SER C 139 12.96 9.23 -5.90
C SER C 139 14.16 9.92 -6.58
N LEU C 140 13.89 10.74 -7.58
CA LEU C 140 14.96 11.40 -8.34
C LEU C 140 15.91 12.20 -7.45
N ASN C 141 17.20 11.85 -7.47
CA ASN C 141 18.19 12.68 -6.80
C ASN C 141 18.49 13.91 -7.66
N ASP C 142 19.22 14.87 -7.11
CA ASP C 142 19.42 16.15 -7.79
C ASP C 142 20.09 16.02 -9.16
N ASP C 143 21.08 15.14 -9.24
CA ASP C 143 21.78 14.89 -10.51
C ASP C 143 20.85 14.32 -11.57
N ASP C 144 20.10 13.28 -11.22
CA ASP C 144 19.18 12.67 -12.16
C ASP C 144 18.15 13.68 -12.66
N LEU C 145 17.68 14.54 -11.76
CA LEU C 145 16.68 15.54 -12.17
C LEU C 145 17.31 16.56 -13.12
N GLU C 146 18.48 17.07 -12.75
CA GLU C 146 19.14 18.07 -13.56
C GLU C 146 19.41 17.53 -14.96
N GLN C 147 19.87 16.28 -15.05
CA GLN C 147 20.15 15.67 -16.34
C GLN C 147 18.88 15.52 -17.19
N LEU C 148 17.80 15.08 -16.56
CA LEU C 148 16.51 14.99 -17.27
C LEU C 148 16.16 16.33 -17.88
N ILE C 149 16.25 17.39 -17.08
CA ILE C 149 15.88 18.72 -17.55
C ILE C 149 16.79 19.20 -18.68
N ARG C 150 18.11 19.03 -18.51
CA ARG C 150 19.03 19.49 -19.52
C ARG C 150 18.82 18.75 -20.83
N GLU C 151 18.48 17.47 -20.73
CA GLU C 151 18.29 16.67 -21.93
C GLU C 151 17.02 17.08 -22.66
N GLU C 152 15.99 17.40 -21.90
CA GLU C 152 14.74 17.89 -22.51
C GLU C 152 14.94 19.27 -23.15
N ILE C 153 15.71 20.15 -22.51
CA ILE C 153 16.04 21.42 -23.14
C ILE C 153 16.74 21.18 -24.49
N GLU C 154 17.71 20.28 -24.49
CA GLU C 154 18.40 19.95 -25.75
C GLU C 154 17.44 19.47 -26.83
N ARG C 155 16.46 18.64 -26.44
CA ARG C 155 15.49 18.13 -27.40
C ARG C 155 14.65 19.25 -27.97
N LYS C 156 14.25 20.18 -27.10
CA LYS C 156 13.48 21.37 -27.54
C LYS C 156 14.30 22.19 -28.51
N GLU C 157 15.58 22.39 -28.18
CA GLU C 157 16.44 23.20 -29.06
C GLU C 157 16.55 22.56 -30.44
N GLU C 158 16.69 21.24 -30.48
CA GLU C 158 16.75 20.55 -31.78
C GLU C 158 15.44 20.66 -32.55
N LYS C 159 14.31 20.59 -31.87
CA LYS C 159 13.01 20.71 -32.53
C LYS C 159 12.80 22.12 -33.05
N ILE C 160 13.22 23.12 -32.27
CA ILE C 160 13.12 24.51 -32.69
C ILE C 160 13.99 24.75 -33.92
N LYS C 161 15.23 24.27 -33.88
CA LYS C 161 16.13 24.41 -35.02
C LYS C 161 15.49 23.84 -36.28
N ARG C 162 15.03 22.60 -36.19
CA ARG C 162 14.43 21.95 -37.35
C ARG C 162 13.21 22.68 -37.91
N LEU C 163 12.29 23.10 -37.03
CA LEU C 163 11.07 23.76 -37.45
C LEU C 163 11.39 25.15 -38.02
N SER C 164 12.28 25.87 -37.35
CA SER C 164 12.69 27.18 -37.82
C SER C 164 13.27 27.11 -39.22
N GLU C 165 14.10 26.09 -39.47
CA GLU C 165 14.76 25.94 -40.76
C GLU C 165 13.76 25.60 -41.86
N ASN C 166 12.80 24.74 -41.58
CA ASN C 166 11.77 24.47 -42.57
C ASN C 166 10.91 25.71 -42.84
N LEU C 167 10.66 26.50 -41.80
CA LEU C 167 9.91 27.75 -42.01
C LEU C 167 10.63 28.66 -43.01
N GLU C 168 11.94 28.84 -42.81
CA GLU C 168 12.69 29.76 -43.65
C GLU C 168 12.71 29.27 -45.10
N ILE C 169 12.93 27.97 -45.27
CA ILE C 169 12.96 27.36 -46.61
C ILE C 169 11.62 27.46 -47.32
N TRP C 170 10.53 27.08 -46.65
CA TRP C 170 9.22 27.16 -47.25
C TRP C 170 8.85 28.60 -47.63
N LYS C 171 9.22 29.55 -46.78
CA LYS C 171 8.87 30.94 -47.05
C LYS C 171 9.62 31.43 -48.28
N LYS C 172 10.93 31.15 -48.33
CA LYS C 172 11.76 31.55 -49.46
C LYS C 172 11.23 30.96 -50.76
N LYS C 173 10.77 29.72 -50.70
CA LYS C 173 10.25 29.02 -51.87
C LYS C 173 8.86 29.50 -52.29
N GLY C 174 8.21 30.28 -51.43
CA GLY C 174 6.84 30.72 -51.68
C GLY C 174 5.85 29.58 -51.59
N GLU C 175 6.16 28.59 -50.76
CA GLU C 175 5.29 27.43 -50.64
C GLU C 175 4.51 27.39 -49.33
N LEU C 176 4.63 28.44 -48.53
CA LEU C 176 3.99 28.46 -47.22
C LEU C 176 2.61 29.13 -47.27
N THR C 177 1.55 28.36 -47.03
CA THR C 177 0.21 28.93 -47.01
C THR C 177 -0.08 29.66 -45.69
N PRO C 178 -1.10 30.53 -45.70
CA PRO C 178 -1.48 31.25 -44.48
C PRO C 178 -1.76 30.31 -43.31
N THR C 179 -2.47 29.22 -43.56
CA THR C 179 -2.80 28.27 -42.50
C THR C 179 -1.57 27.51 -42.02
N GLN C 180 -0.69 27.12 -42.95
CA GLN C 180 0.56 26.47 -42.55
C GLN C 180 1.37 27.40 -41.66
N GLU C 181 1.37 28.68 -41.99
CA GLU C 181 2.13 29.65 -41.21
C GLU C 181 1.63 29.69 -39.76
N ILE C 182 0.32 29.65 -39.59
CA ILE C 182 -0.26 29.56 -38.25
C ILE C 182 0.29 28.36 -37.48
N THR C 183 0.29 27.19 -38.11
CA THR C 183 0.73 25.98 -37.42
C THR C 183 2.18 26.06 -36.96
N ILE C 184 3.02 26.71 -37.75
CA ILE C 184 4.43 26.87 -37.37
C ILE C 184 4.62 27.84 -36.23
N LYS C 185 3.90 28.95 -36.25
CA LYS C 185 3.91 29.90 -35.14
C LYS C 185 3.49 29.20 -33.84
N TYR C 186 2.46 28.38 -33.95
CA TYR C 186 1.93 27.59 -32.85
C TYR C 186 3.00 26.62 -32.32
N GLY C 187 3.64 25.90 -33.24
CA GLY C 187 4.63 24.91 -32.87
C GLY C 187 5.82 25.56 -32.19
N LEU C 188 6.31 26.65 -32.76
CA LEU C 188 7.46 27.33 -32.17
C LEU C 188 7.14 27.86 -30.75
N ALA C 189 5.94 28.41 -30.59
CA ALA C 189 5.51 28.93 -29.30
C ALA C 189 5.53 27.84 -28.23
N GLN C 190 4.99 26.69 -28.60
CA GLN C 190 4.94 25.53 -27.73
C GLN C 190 6.35 25.12 -27.32
N TYR C 191 7.27 25.07 -28.28
CA TYR C 191 8.64 24.66 -27.95
C TYR C 191 9.35 25.69 -27.08
N LYS C 192 9.23 26.96 -27.44
CA LYS C 192 9.95 28.00 -26.74
C LYS C 192 9.43 28.23 -25.33
N SER C 193 8.11 28.16 -25.16
CA SER C 193 7.53 28.40 -23.84
C SER C 193 7.92 27.32 -22.85
N THR C 194 7.90 26.06 -23.29
CA THR C 194 8.24 24.98 -22.37
C THR C 194 9.76 24.94 -22.12
N LYS C 195 10.54 25.29 -23.14
CA LYS C 195 11.99 25.38 -22.95
C LYS C 195 12.32 26.42 -21.88
N LYS C 196 11.63 27.56 -21.98
CA LYS C 196 11.84 28.67 -21.05
C LYS C 196 11.53 28.27 -19.60
N VAL C 197 10.46 27.51 -19.40
CA VAL C 197 10.14 27.01 -18.06
C VAL C 197 11.30 26.19 -17.49
N LEU C 198 11.83 25.28 -18.29
CA LEU C 198 12.94 24.43 -17.86
C LEU C 198 14.21 25.25 -17.59
N GLU C 199 14.52 26.18 -18.48
CA GLU C 199 15.67 27.05 -18.28
C GLU C 199 15.55 27.82 -16.98
N GLU C 200 14.36 28.36 -16.73
CA GLU C 200 14.10 29.14 -15.53
C GLU C 200 14.22 28.29 -14.28
N GLU C 201 13.83 27.03 -14.40
CA GLU C 201 13.94 26.08 -13.31
C GLU C 201 15.40 25.80 -12.95
N LEU C 202 16.25 25.64 -13.97
CA LEU C 202 17.67 25.37 -13.71
C LEU C 202 18.35 26.58 -13.09
N ALA C 203 17.86 27.77 -13.43
CA ALA C 203 18.48 29.01 -12.98
C ALA C 203 17.93 29.52 -11.66
N LYS C 204 16.94 28.82 -11.08
CA LYS C 204 16.23 29.31 -9.91
C LYS C 204 17.16 29.71 -8.77
N MET D 35 6.63 -7.94 23.20
CA MET D 35 5.68 -7.57 22.15
C MET D 35 4.74 -6.46 22.59
N GLN D 36 4.72 -5.36 21.83
CA GLN D 36 3.91 -4.20 22.18
C GLN D 36 2.69 -4.06 21.26
N GLY D 37 1.73 -3.24 21.70
CA GLY D 37 0.55 -3.01 20.89
C GLY D 37 0.93 -2.41 19.55
N LYS D 38 2.00 -1.63 19.53
CA LYS D 38 2.41 -0.96 18.30
C LYS D 38 2.87 -1.97 17.25
N ASP D 39 3.44 -3.09 17.69
CA ASP D 39 3.97 -4.07 16.75
C ASP D 39 2.84 -4.77 16.01
N ILE D 40 1.79 -5.15 16.73
CA ILE D 40 0.67 -5.83 16.06
C ILE D 40 -0.13 -4.88 15.15
N ILE D 41 -0.23 -3.61 15.54
CA ILE D 41 -0.95 -2.64 14.73
C ILE D 41 -0.19 -2.40 13.41
N LEU D 42 1.13 -2.33 13.48
CA LEU D 42 1.93 -2.23 12.26
C LEU D 42 1.72 -3.46 11.40
N GLY D 43 1.68 -4.63 12.04
CA GLY D 43 1.39 -5.86 11.34
C GLY D 43 0.05 -5.77 10.63
N ILE D 44 -0.96 -5.24 11.32
CA ILE D 44 -2.29 -5.11 10.73
C ILE D 44 -2.24 -4.18 9.51
N LEU D 45 -1.44 -3.13 9.58
CA LEU D 45 -1.40 -2.11 8.53
C LEU D 45 -0.40 -2.41 7.42
N SER D 46 0.33 -3.51 7.54
CA SER D 46 1.37 -3.79 6.56
C SER D 46 0.83 -3.95 5.15
N LYS D 47 -0.36 -4.56 5.02
CA LYS D 47 -0.86 -4.99 3.72
C LYS D 47 -1.89 -4.04 3.10
N LYS D 48 -2.57 -3.28 3.94
CA LYS D 48 -3.71 -2.47 3.51
C LYS D 48 -3.81 -1.21 4.35
N GLU D 49 -4.31 -0.13 3.74
CA GLU D 49 -4.81 1.00 4.53
C GLU D 49 -6.11 0.57 5.17
N ARG D 50 -6.31 0.95 6.44
CA ARG D 50 -7.51 0.51 7.15
C ARG D 50 -8.07 1.62 8.04
N SER D 51 -9.40 1.68 8.13
CA SER D 51 -10.05 2.60 9.04
C SER D 51 -9.82 2.16 10.48
N GLY D 52 -9.93 3.09 11.43
CA GLY D 52 -9.84 2.74 12.83
C GLY D 52 -10.85 1.65 13.20
N TYR D 53 -12.03 1.72 12.60
CA TYR D 53 -13.07 0.73 12.85
C TYR D 53 -12.56 -0.66 12.51
N GLU D 54 -11.94 -0.76 11.34
CA GLU D 54 -11.45 -2.04 10.81
C GLU D 54 -10.27 -2.58 11.62
N ILE D 55 -9.33 -1.71 11.97
CA ILE D 55 -8.21 -2.13 12.81
C ILE D 55 -8.74 -2.68 14.12
N ASN D 56 -9.69 -1.96 14.71
CA ASN D 56 -10.26 -2.42 15.96
C ASN D 56 -11.01 -3.76 15.82
N ASP D 57 -11.71 -3.93 14.72
CA ASP D 57 -12.47 -5.16 14.47
C ASP D 57 -11.48 -6.34 14.37
N ILE D 58 -10.39 -6.12 13.64
CA ILE D 58 -9.35 -7.14 13.51
C ILE D 58 -8.75 -7.47 14.87
N LEU D 59 -8.37 -6.45 15.62
CA LEU D 59 -7.71 -6.66 16.88
C LEU D 59 -8.59 -7.40 17.90
N GLN D 60 -9.86 -7.00 17.96
CA GLN D 60 -10.76 -7.49 19.00
C GLN D 60 -11.39 -8.83 18.62
N ASN D 61 -11.67 -9.01 17.33
CA ASN D 61 -12.48 -10.14 16.90
C ASN D 61 -11.79 -11.16 16.01
N GLN D 62 -10.56 -10.86 15.60
CA GLN D 62 -9.80 -11.79 14.77
C GLN D 62 -8.50 -12.26 15.41
N LEU D 63 -7.77 -11.35 16.04
CA LEU D 63 -6.46 -11.69 16.58
C LEU D 63 -6.47 -11.95 18.08
N SER D 64 -7.64 -11.91 18.70
CA SER D 64 -7.73 -11.99 20.15
C SER D 64 -7.19 -13.31 20.70
N TYR D 65 -7.09 -14.32 19.85
CA TYR D 65 -6.58 -15.63 20.28
C TYR D 65 -5.08 -15.65 20.54
N PHE D 66 -4.35 -14.65 20.05
CA PHE D 66 -2.94 -14.54 20.41
C PHE D 66 -2.55 -13.17 20.93
N TYR D 67 -3.51 -12.25 20.92
CA TYR D 67 -3.24 -10.93 21.48
C TYR D 67 -4.51 -10.40 22.13
N ASP D 68 -4.60 -10.62 23.44
CA ASP D 68 -5.78 -10.22 24.18
C ASP D 68 -5.26 -9.54 25.42
N GLY D 69 -5.14 -8.22 25.36
CA GLY D 69 -4.54 -7.46 26.44
C GLY D 69 -5.53 -6.57 27.18
N THR D 70 -5.01 -5.54 27.83
CA THR D 70 -5.85 -4.57 28.50
C THR D 70 -6.48 -3.66 27.45
N TYR D 71 -7.80 -3.51 27.51
CA TYR D 71 -8.50 -2.62 26.60
C TYR D 71 -7.95 -1.20 26.70
N GLY D 72 -8.25 -0.39 25.70
CA GLY D 72 -7.79 0.99 25.67
C GLY D 72 -6.36 1.12 25.16
N MET D 73 -5.90 0.12 24.42
CA MET D 73 -4.57 0.19 23.83
C MET D 73 -4.59 0.91 22.50
N ILE D 74 -5.56 0.57 21.66
CA ILE D 74 -5.48 0.92 20.25
C ILE D 74 -5.38 2.42 19.97
N TYR D 75 -6.26 3.23 20.56
CA TYR D 75 -6.28 4.65 20.17
C TYR D 75 -5.03 5.42 20.59
N PRO D 76 -4.60 5.25 21.84
CA PRO D 76 -3.32 5.89 22.21
C PRO D 76 -2.16 5.37 21.35
N THR D 77 -2.22 4.11 20.96
CA THR D 77 -1.13 3.54 20.16
C THR D 77 -1.08 4.10 18.73
N LEU D 78 -2.24 4.27 18.11
CA LEU D 78 -2.34 4.90 16.80
C LEU D 78 -1.82 6.35 16.86
N ARG D 79 -2.16 7.06 17.94
CA ARG D 79 -1.67 8.44 18.08
C ARG D 79 -0.14 8.47 18.16
N LYS D 80 0.44 7.55 18.92
CA LYS D 80 1.90 7.53 19.06
C LYS D 80 2.58 7.10 17.77
N LEU D 81 2.00 6.13 17.07
CA LEU D 81 2.57 5.68 15.80
C LEU D 81 2.60 6.80 14.78
N GLU D 82 1.54 7.61 14.74
CA GLU D 82 1.48 8.73 13.80
C GLU D 82 2.53 9.77 14.19
N LYS D 83 2.56 10.09 15.48
CA LYS D 83 3.50 11.07 16.00
C LYS D 83 4.92 10.68 15.61
N ASP D 84 5.22 9.40 15.72
CA ASP D 84 6.57 8.88 15.44
C ASP D 84 6.76 8.60 13.95
N GLY D 85 5.81 9.03 13.13
CA GLY D 85 5.92 8.92 11.69
C GLY D 85 5.83 7.51 11.10
N LYS D 86 5.33 6.56 11.87
CA LYS D 86 5.29 5.18 11.42
C LYS D 86 3.99 4.86 10.65
N ILE D 87 2.98 5.69 10.84
CA ILE D 87 1.75 5.60 10.04
C ILE D 87 1.25 7.01 9.79
N THR D 88 0.37 7.14 8.79
CA THR D 88 -0.36 8.38 8.57
C THR D 88 -1.81 8.20 9.00
N LYS D 89 -2.44 9.30 9.37
CA LYS D 89 -3.87 9.33 9.69
C LYS D 89 -4.57 10.29 8.73
N GLU D 90 -5.62 9.79 8.08
CA GLU D 90 -6.42 10.58 7.17
C GLU D 90 -7.82 10.67 7.78
N VAL D 91 -8.33 11.88 7.92
CA VAL D 91 -9.67 12.06 8.45
C VAL D 91 -10.62 12.33 7.28
N VAL D 92 -11.50 11.37 7.01
CA VAL D 92 -12.46 11.50 5.93
C VAL D 92 -13.77 12.06 6.46
N ILE D 93 -14.17 13.21 5.92
CA ILE D 93 -15.36 13.91 6.41
C ILE D 93 -16.48 13.62 5.44
N GLN D 94 -17.64 13.28 5.97
CA GLN D 94 -18.82 13.01 5.14
C GLN D 94 -20.06 13.67 5.72
N ASP D 95 -20.93 14.17 4.85
CA ASP D 95 -22.17 14.78 5.30
C ASP D 95 -22.98 13.81 6.15
N GLY D 96 -23.37 14.24 7.34
CA GLY D 96 -24.29 13.47 8.16
C GLY D 96 -23.76 12.15 8.71
N ARG D 97 -22.44 11.99 8.72
CA ARG D 97 -21.82 10.81 9.35
C ARG D 97 -20.64 11.22 10.23
N PRO D 98 -20.29 10.36 11.20
CA PRO D 98 -19.08 10.65 11.98
C PRO D 98 -17.85 10.63 11.09
N ASN D 99 -16.84 11.38 11.47
CA ASN D 99 -15.55 11.29 10.77
C ASN D 99 -15.07 9.85 10.77
N LYS D 100 -14.49 9.46 9.64
CA LYS D 100 -13.89 8.15 9.51
C LYS D 100 -12.38 8.37 9.43
N ASN D 101 -11.64 7.68 10.29
CA ASN D 101 -10.19 7.79 10.30
C ASN D 101 -9.53 6.64 9.55
N ILE D 102 -8.71 6.96 8.55
CA ILE D 102 -8.04 5.93 7.78
C ILE D 102 -6.54 5.98 8.01
N TYR D 103 -5.96 4.84 8.36
CA TYR D 103 -4.56 4.75 8.73
C TYR D 103 -3.77 3.97 7.69
N ALA D 104 -2.56 4.43 7.42
CA ALA D 104 -1.72 3.76 6.44
C ALA D 104 -0.29 3.73 6.94
N ILE D 105 0.38 2.61 6.71
CA ILE D 105 1.77 2.46 7.15
C ILE D 105 2.67 3.31 6.27
N THR D 106 3.71 3.88 6.86
CA THR D 106 4.69 4.65 6.10
C THR D 106 5.92 3.80 5.82
N GLU D 107 6.83 4.31 5.01
CA GLU D 107 8.08 3.60 4.77
C GLU D 107 8.80 3.29 6.08
N SER D 108 8.89 4.27 6.97
CA SER D 108 9.58 4.04 8.24
C SER D 108 8.82 3.02 9.07
N GLY D 109 7.50 3.00 8.89
CA GLY D 109 6.69 2.03 9.58
C GLY D 109 7.00 0.63 9.09
N LYS D 110 7.12 0.48 7.78
CA LYS D 110 7.39 -0.84 7.20
C LYS D 110 8.76 -1.31 7.68
N LYS D 111 9.70 -0.38 7.81
CA LYS D 111 11.03 -0.68 8.27
C LYS D 111 11.01 -1.14 9.73
N GLU D 112 10.20 -0.47 10.54
CA GLU D 112 10.06 -0.84 11.94
C GLU D 112 9.45 -2.23 12.10
N LEU D 113 8.44 -2.54 11.28
CA LEU D 113 7.83 -3.86 11.31
C LEU D 113 8.84 -4.93 10.90
N ALA D 114 9.56 -4.68 9.82
CA ALA D 114 10.57 -5.63 9.35
C ALA D 114 11.57 -5.94 10.46
N SER D 115 12.05 -4.90 11.15
CA SER D 115 13.01 -5.09 12.22
C SER D 115 12.37 -5.90 13.32
N TYR D 116 11.14 -5.58 13.66
CA TYR D 116 10.48 -6.32 14.72
C TYR D 116 10.40 -7.80 14.39
N LEU D 117 9.98 -8.12 13.17
CA LEU D 117 9.80 -9.52 12.79
C LEU D 117 11.13 -10.25 12.67
N GLN D 118 12.24 -9.49 12.62
CA GLN D 118 13.56 -10.11 12.62
C GLN D 118 14.11 -10.30 14.02
N SER D 119 13.52 -9.59 14.99
CA SER D 119 13.99 -9.66 16.37
C SER D 119 13.77 -11.04 16.99
N ASP D 120 14.47 -11.32 18.08
CA ASP D 120 14.27 -12.57 18.79
C ASP D 120 12.85 -12.57 19.36
N VAL D 121 12.22 -13.74 19.35
CA VAL D 121 10.87 -13.89 19.87
C VAL D 121 10.84 -13.65 21.38
N ASN D 122 9.92 -12.81 21.84
CA ASN D 122 9.77 -12.52 23.26
C ASN D 122 8.98 -13.61 23.97
N ASP D 123 9.15 -13.70 25.29
CA ASP D 123 8.40 -14.68 26.07
C ASP D 123 6.92 -14.36 25.94
N GLU D 124 6.07 -15.38 25.97
CA GLU D 124 4.63 -15.11 25.95
C GLU D 124 4.22 -14.47 27.26
N ILE D 125 3.20 -13.63 27.22
CA ILE D 125 2.62 -13.09 28.43
C ILE D 125 1.32 -13.85 28.67
N PHE D 126 1.16 -14.40 29.86
CA PHE D 126 -0.05 -15.13 30.16
C PHE D 126 -0.38 -14.90 31.63
N LYS D 127 -1.54 -14.32 31.87
CA LYS D 127 -1.99 -14.09 33.23
C LYS D 127 -3.44 -14.52 33.37
N SER D 128 -3.65 -15.58 34.14
CA SER D 128 -4.98 -16.15 34.30
C SER D 128 -5.49 -15.82 35.70
N ASP D 129 -6.51 -14.98 35.78
CA ASP D 129 -7.14 -14.68 37.04
C ASP D 129 -7.84 -15.94 37.56
N PHE D 130 -8.45 -16.69 36.64
CA PHE D 130 -9.10 -17.94 37.04
C PHE D 130 -8.12 -18.85 37.79
N LEU D 131 -6.94 -19.06 37.22
CA LEU D 131 -5.99 -19.97 37.85
C LEU D 131 -5.52 -19.43 39.19
N MET D 132 -5.27 -18.13 39.25
CA MET D 132 -4.89 -17.47 40.49
C MET D 132 -5.92 -17.73 41.59
N ARG D 133 -7.21 -17.62 41.26
CA ARG D 133 -8.26 -17.88 42.25
C ARG D 133 -8.18 -19.30 42.80
N LEU D 134 -7.96 -20.29 41.94
CA LEU D 134 -7.85 -21.66 42.39
C LEU D 134 -6.56 -21.87 43.17
N PHE D 135 -5.46 -21.27 42.70
CA PHE D 135 -4.20 -21.45 43.41
C PHE D 135 -4.27 -20.92 44.85
N PHE D 136 -4.91 -19.77 45.01
CA PHE D 136 -5.02 -19.13 46.32
C PHE D 136 -6.43 -19.33 46.87
N GLY D 137 -7.06 -20.44 46.48
CA GLY D 137 -8.47 -20.64 46.73
C GLY D 137 -8.74 -21.66 47.82
N ASN D 138 -7.93 -21.59 48.87
CA ASN D 138 -8.05 -22.49 50.00
C ASN D 138 -9.43 -22.41 50.65
N SER D 139 -10.01 -21.21 50.67
CA SER D 139 -11.26 -20.96 51.38
C SER D 139 -12.52 -21.28 50.56
N LEU D 140 -12.38 -21.38 49.23
CA LEU D 140 -13.53 -21.62 48.36
C LEU D 140 -14.40 -22.78 48.82
N ASN D 141 -15.70 -22.53 48.97
CA ASN D 141 -16.63 -23.64 49.23
C ASN D 141 -16.94 -24.35 47.92
N ASP D 142 -17.43 -25.59 48.02
CA ASP D 142 -17.67 -26.41 46.83
C ASP D 142 -18.47 -25.65 45.76
N ASP D 143 -19.48 -24.89 46.20
CA ASP D 143 -20.31 -24.13 45.28
C ASP D 143 -19.55 -23.06 44.51
N ASP D 144 -18.80 -22.22 45.23
CA ASP D 144 -18.06 -21.13 44.62
C ASP D 144 -17.00 -21.67 43.65
N LEU D 145 -16.39 -22.79 44.01
CA LEU D 145 -15.39 -23.44 43.16
C LEU D 145 -16.06 -23.93 41.86
N GLU D 146 -17.12 -24.72 42.01
CA GLU D 146 -17.82 -25.24 40.85
C GLU D 146 -18.26 -24.10 39.93
N GLN D 147 -18.71 -23.01 40.54
CA GLN D 147 -19.13 -21.85 39.78
C GLN D 147 -17.98 -21.27 38.95
N LEU D 148 -16.82 -21.10 39.57
CA LEU D 148 -15.67 -20.57 38.85
C LEU D 148 -15.31 -21.47 37.69
N ILE D 149 -15.33 -22.78 37.92
CA ILE D 149 -14.97 -23.73 36.87
C ILE D 149 -15.95 -23.66 35.70
N ARG D 150 -17.24 -23.65 36.02
CA ARG D 150 -18.25 -23.61 34.97
C ARG D 150 -18.13 -22.36 34.12
N GLU D 151 -17.87 -21.23 34.77
CA GLU D 151 -17.72 -19.97 34.04
C GLU D 151 -16.48 -19.97 33.14
N GLU D 152 -15.40 -20.59 33.61
CA GLU D 152 -14.20 -20.67 32.80
C GLU D 152 -14.40 -21.59 31.59
N ILE D 153 -15.11 -22.70 31.80
CA ILE D 153 -15.52 -23.55 30.68
C ILE D 153 -16.32 -22.76 29.62
N GLU D 154 -17.25 -21.92 30.08
CA GLU D 154 -18.04 -21.11 29.16
C GLU D 154 -17.17 -20.12 28.37
N ARG D 155 -16.26 -19.45 29.06
CA ARG D 155 -15.34 -18.54 28.39
C ARG D 155 -14.57 -19.27 27.31
N LYS D 156 -14.12 -20.49 27.61
CA LYS D 156 -13.36 -21.25 26.63
C LYS D 156 -14.21 -21.67 25.46
N GLU D 157 -15.45 -22.08 25.74
CA GLU D 157 -16.36 -22.45 24.67
C GLU D 157 -16.52 -21.28 23.71
N GLU D 158 -16.69 -20.08 24.25
CA GLU D 158 -16.85 -18.90 23.41
C GLU D 158 -15.60 -18.64 22.55
N LYS D 159 -14.42 -18.72 23.16
CA LYS D 159 -13.20 -18.44 22.42
C LYS D 159 -13.00 -19.44 21.31
N ILE D 160 -13.34 -20.69 21.58
CA ILE D 160 -13.31 -21.73 20.55
C ILE D 160 -14.24 -21.39 19.40
N LYS D 161 -15.48 -20.99 19.72
CA LYS D 161 -16.44 -20.65 18.67
C LYS D 161 -15.91 -19.53 17.79
N ARG D 162 -15.42 -18.47 18.40
CA ARG D 162 -14.93 -17.32 17.63
C ARG D 162 -13.75 -17.69 16.74
N LEU D 163 -12.81 -18.46 17.28
CA LEU D 163 -11.61 -18.82 16.53
C LEU D 163 -11.92 -19.81 15.41
N SER D 164 -12.78 -20.78 15.71
CA SER D 164 -13.22 -21.74 14.71
C SER D 164 -13.93 -21.02 13.56
N GLU D 165 -14.77 -20.04 13.91
CA GLU D 165 -15.54 -19.30 12.91
C GLU D 165 -14.60 -18.55 11.97
N ASN D 166 -13.61 -17.88 12.53
CA ASN D 166 -12.65 -17.16 11.70
C ASN D 166 -11.81 -18.08 10.83
N LEU D 167 -11.45 -19.26 11.35
CA LEU D 167 -10.72 -20.26 10.57
C LEU D 167 -11.48 -20.64 9.29
N GLU D 168 -12.76 -20.95 9.44
CA GLU D 168 -13.58 -21.42 8.32
C GLU D 168 -13.76 -20.31 7.28
N ILE D 169 -14.02 -19.09 7.75
CA ILE D 169 -14.19 -17.94 6.86
C ILE D 169 -12.92 -17.67 6.04
N TRP D 170 -11.79 -17.60 6.74
CA TRP D 170 -10.53 -17.32 6.08
C TRP D 170 -10.20 -18.40 5.07
N LYS D 171 -10.43 -19.65 5.46
CA LYS D 171 -10.14 -20.77 4.59
C LYS D 171 -10.98 -20.70 3.30
N LYS D 172 -12.28 -20.58 3.45
CA LYS D 172 -13.16 -20.49 2.28
C LYS D 172 -12.79 -19.34 1.36
N LYS D 173 -12.31 -18.24 1.96
CA LYS D 173 -11.97 -17.03 1.21
C LYS D 173 -10.63 -17.15 0.50
N GLY D 174 -9.84 -18.16 0.87
CA GLY D 174 -8.52 -18.34 0.32
C GLY D 174 -7.50 -17.38 0.91
N GLU D 175 -7.73 -16.93 2.13
CA GLU D 175 -6.87 -15.93 2.75
C GLU D 175 -6.00 -16.51 3.86
N LEU D 176 -6.27 -17.77 4.21
CA LEU D 176 -5.56 -18.44 5.29
C LEU D 176 -4.20 -18.93 4.82
N THR D 177 -3.12 -18.34 5.35
CA THR D 177 -1.78 -18.77 4.96
C THR D 177 -1.39 -20.00 5.77
N PRO D 178 -0.34 -20.72 5.33
CA PRO D 178 0.09 -21.91 6.07
C PRO D 178 0.50 -21.58 7.51
N THR D 179 1.20 -20.47 7.72
CA THR D 179 1.62 -20.12 9.08
C THR D 179 0.44 -19.70 9.96
N GLN D 180 -0.50 -18.96 9.36
CA GLN D 180 -1.72 -18.61 10.09
C GLN D 180 -2.46 -19.86 10.54
N GLU D 181 -2.52 -20.88 9.68
CA GLU D 181 -3.25 -22.08 10.05
C GLU D 181 -2.62 -22.76 11.27
N ILE D 182 -1.29 -22.78 11.30
CA ILE D 182 -0.58 -23.29 12.47
C ILE D 182 -1.02 -22.56 13.73
N THR D 183 -1.05 -21.24 13.69
CA THR D 183 -1.42 -20.48 14.88
C THR D 183 -2.84 -20.82 15.33
N ILE D 184 -3.74 -21.07 14.39
CA ILE D 184 -5.12 -21.38 14.73
C ILE D 184 -5.24 -22.76 15.40
N LYS D 185 -4.58 -23.76 14.82
CA LYS D 185 -4.53 -25.11 15.41
C LYS D 185 -3.96 -25.07 16.84
N TYR D 186 -2.91 -24.28 17.00
CA TYR D 186 -2.26 -24.06 18.30
C TYR D 186 -3.28 -23.45 19.28
N GLY D 187 -3.93 -22.38 18.86
CA GLY D 187 -4.97 -21.75 19.68
C GLY D 187 -6.10 -22.69 20.07
N LEU D 188 -6.64 -23.43 19.10
CA LEU D 188 -7.73 -24.35 19.39
C LEU D 188 -7.30 -25.47 20.36
N ALA D 189 -6.09 -25.98 20.19
CA ALA D 189 -5.58 -27.04 21.07
C ALA D 189 -5.50 -26.57 22.51
N GLN D 190 -4.96 -25.37 22.70
CA GLN D 190 -4.85 -24.74 24.02
C GLN D 190 -6.23 -24.56 24.67
N TYR D 191 -7.21 -24.07 23.91
CA TYR D 191 -8.55 -23.89 24.50
C TYR D 191 -9.21 -25.23 24.84
N LYS D 192 -9.11 -26.17 23.90
CA LYS D 192 -9.81 -27.45 24.09
C LYS D 192 -9.20 -28.34 25.17
N SER D 193 -7.88 -28.33 25.28
CA SER D 193 -7.20 -29.16 26.28
C SER D 193 -7.47 -28.68 27.70
N THR D 194 -7.52 -27.36 27.91
CA THR D 194 -7.76 -26.82 29.24
C THR D 194 -9.25 -26.95 29.57
N LYS D 195 -10.09 -26.82 28.56
CA LYS D 195 -11.53 -27.02 28.77
C LYS D 195 -11.76 -28.44 29.24
N LYS D 196 -11.05 -29.36 28.60
CA LYS D 196 -11.15 -30.78 28.90
C LYS D 196 -10.77 -31.08 30.35
N VAL D 197 -9.68 -30.49 30.83
CA VAL D 197 -9.29 -30.67 32.22
C VAL D 197 -10.41 -30.26 33.17
N LEU D 198 -11.03 -29.11 32.91
CA LEU D 198 -12.09 -28.61 33.76
C LEU D 198 -13.35 -29.49 33.70
N GLU D 199 -13.69 -29.96 32.50
CA GLU D 199 -14.84 -30.85 32.39
C GLU D 199 -14.63 -32.14 33.19
N GLU D 200 -13.43 -32.70 33.11
CA GLU D 200 -13.10 -33.92 33.82
C GLU D 200 -13.11 -33.69 35.32
N GLU D 201 -12.76 -32.46 35.72
CA GLU D 201 -12.80 -32.12 37.13
C GLU D 201 -14.24 -32.11 37.61
N LEU D 202 -15.12 -31.46 36.86
CA LEU D 202 -16.53 -31.43 37.23
C LEU D 202 -17.16 -32.83 37.21
N ALA D 203 -16.65 -33.70 36.36
CA ALA D 203 -17.20 -35.04 36.21
C ALA D 203 -16.93 -35.88 37.46
N LYS D 204 -15.70 -35.80 37.98
CA LYS D 204 -15.31 -36.52 39.17
C LYS D 204 -16.29 -36.26 40.33
#